data_5Q06
#
_entry.id   5Q06
#
_cell.length_a   67.506
_cell.length_b   83.695
_cell.length_c   278.843
_cell.angle_alpha   90.000
_cell.angle_beta   90.000
_cell.angle_gamma   90.000
#
_symmetry.space_group_name_H-M   'P 21 21 21'
#
loop_
_entity.id
_entity.type
_entity.pdbx_description
1 polymer 'Fructose-1,6-bisphosphatase 1'
2 non-polymer N-[(5-bromo-1,3-thiazol-2-yl)carbamoyl]-4-(2-methyl-1,3-thiazol-4-yl)benzene-1-sulfonamide
3 water water
#
_entity_poly.entity_id   1
_entity_poly.type   'polypeptide(L)'
_entity_poly.pdbx_seq_one_letter_code
;MADQAPFDTDVNTLTRFVMEEGRKARGTGELTQLLNSLCTAVKAISSAVRKAGIAHLYGIAGSTNVTGDQVKKLDVLSND
LVMNMLKSSFATCVLVSEEDKHAIIVEPEKRGKYVVCFDPLDGSSNIDCLVSVGTIFGIYRKKSTDEPSEKDALQPGRNL
VAAGYALYGSATMLVLAMDCGVNCFMLDPAIGEFILVDKDVKIKKKGKIYSLNEGYAKDFDPAVTEYIQRKKFPPDNSAP
YGARYVGSMVADVHRTLVYGGIFLYPANKKSPNGKLRLLYECNPMAYVMEKAGGMATTGKEAVLDVIPTDIHQRAPVILG
SPDDVLEFLKVYEKHSAQ
;
_entity_poly.pdbx_strand_id   A,B,C,D
#
# COMPACT_ATOMS: atom_id res chain seq x y z
N ASP A 10 -10.13 -23.85 3.24
CA ASP A 10 -8.71 -23.55 3.49
C ASP A 10 -8.17 -22.55 2.45
N VAL A 11 -7.62 -21.45 2.94
CA VAL A 11 -7.11 -20.41 2.06
C VAL A 11 -6.01 -20.99 1.15
N ASN A 12 -5.85 -20.41 -0.03
CA ASN A 12 -4.73 -20.78 -0.87
C ASN A 12 -4.30 -19.58 -1.69
N THR A 13 -2.99 -19.52 -1.96
CA THR A 13 -2.40 -18.50 -2.80
C THR A 13 -1.90 -19.14 -4.10
N LEU A 14 -1.60 -18.27 -5.06
CA LEU A 14 -1.25 -18.75 -6.39
C LEU A 14 0.01 -19.60 -6.33
N THR A 15 1.04 -19.10 -5.65
CA THR A 15 2.30 -19.83 -5.58
C THR A 15 2.10 -21.21 -4.97
N ARG A 16 1.42 -21.26 -3.83
CA ARG A 16 1.27 -22.54 -3.16
C ARG A 16 0.41 -23.51 -3.97
N PHE A 17 -0.70 -23.03 -4.53
CA PHE A 17 -1.54 -23.85 -5.40
C PHE A 17 -0.70 -24.47 -6.52
N VAL A 18 0.24 -23.69 -7.06
CA VAL A 18 1.05 -24.16 -8.18
C VAL A 18 2.08 -25.17 -7.69
N MET A 19 2.68 -24.91 -6.53
CA MET A 19 3.66 -25.84 -5.97
C MET A 19 3.02 -27.20 -5.68
N GLU A 20 1.81 -27.19 -5.13
CA GLU A 20 1.15 -28.44 -4.76
C GLU A 20 0.82 -29.25 -6.00
N GLU A 21 0.36 -28.58 -7.05
CA GLU A 21 0.07 -29.29 -8.29
C GLU A 21 1.35 -29.78 -8.95
N GLY A 22 2.40 -28.98 -8.92
CA GLY A 22 3.64 -29.39 -9.55
C GLY A 22 4.26 -30.56 -8.84
N ARG A 23 4.16 -30.60 -7.50
CA ARG A 23 4.72 -31.70 -6.74
C ARG A 23 3.93 -32.98 -6.99
N LYS A 24 2.61 -32.87 -7.03
CA LYS A 24 1.78 -34.02 -7.40
C LYS A 24 2.21 -34.58 -8.74
N ALA A 25 2.50 -33.72 -9.70
CA ALA A 25 2.89 -34.17 -11.02
C ALA A 25 4.34 -34.61 -11.09
N ARG A 26 5.13 -34.32 -10.05
CA ARG A 26 6.55 -34.69 -9.99
C ARG A 26 7.37 -34.05 -11.11
N GLY A 27 7.09 -32.79 -11.40
CA GLY A 27 7.86 -32.04 -12.39
C GLY A 27 9.16 -31.51 -11.80
N THR A 28 9.96 -30.91 -12.68
CA THR A 28 11.26 -30.40 -12.24
C THR A 28 11.16 -29.12 -11.41
N GLY A 29 10.04 -28.41 -11.50
CA GLY A 29 9.92 -27.13 -10.86
C GLY A 29 10.09 -25.96 -11.80
N GLU A 30 10.48 -26.21 -13.05
CA GLU A 30 10.80 -25.11 -13.94
C GLU A 30 9.56 -24.26 -14.22
N LEU A 31 8.43 -24.90 -14.49
CA LEU A 31 7.20 -24.19 -14.78
C LEU A 31 6.71 -23.38 -13.56
N THR A 32 6.87 -23.93 -12.37
CA THR A 32 6.55 -23.21 -11.14
C THR A 32 7.44 -21.98 -10.98
N GLN A 33 8.71 -22.10 -11.33
CA GLN A 33 9.61 -20.95 -11.28
C GLN A 33 9.19 -19.89 -12.30
N LEU A 34 8.85 -20.33 -13.52
CA LEU A 34 8.26 -19.47 -14.53
C LEU A 34 7.08 -18.69 -13.96
N LEU A 35 6.06 -19.41 -13.47
CA LEU A 35 4.83 -18.75 -13.07
C LEU A 35 5.08 -17.78 -11.92
N ASN A 36 5.94 -18.18 -11.00
CA ASN A 36 6.24 -17.32 -9.86
C ASN A 36 6.90 -16.01 -10.30
N SER A 37 7.87 -16.08 -11.23
CA SER A 37 8.48 -14.84 -11.72
C SER A 37 7.47 -14.00 -12.47
N LEU A 38 6.62 -14.65 -13.27
CA LEU A 38 5.57 -13.94 -13.99
C LEU A 38 4.66 -13.16 -13.04
N CYS A 39 4.28 -13.76 -11.91
N CYS A 39 4.26 -13.77 -11.93
CA CYS A 39 3.37 -13.07 -11.01
CA CYS A 39 3.40 -13.09 -10.97
C CYS A 39 4.06 -11.97 -10.18
C CYS A 39 4.09 -11.88 -10.34
N THR A 40 5.39 -11.99 -10.09
CA THR A 40 6.11 -10.88 -9.48
C THR A 40 6.09 -9.66 -10.42
N ALA A 41 6.37 -9.86 -11.71
CA ALA A 41 6.28 -8.76 -12.67
C ALA A 41 4.88 -8.18 -12.69
N VAL A 42 3.86 -9.05 -12.61
CA VAL A 42 2.48 -8.59 -12.62
C VAL A 42 2.17 -7.74 -11.39
N LYS A 43 2.65 -8.15 -10.22
CA LYS A 43 2.46 -7.30 -9.05
C LYS A 43 3.16 -5.94 -9.25
N ALA A 44 4.32 -5.94 -9.91
CA ALA A 44 5.01 -4.67 -10.18
C ALA A 44 4.25 -3.85 -11.20
N ILE A 45 3.70 -4.50 -12.24
CA ILE A 45 2.88 -3.79 -13.21
C ILE A 45 1.66 -3.18 -12.54
N SER A 46 0.96 -3.97 -11.73
CA SER A 46 -0.22 -3.47 -11.04
C SER A 46 0.09 -2.19 -10.28
N SER A 47 1.18 -2.21 -9.51
CA SER A 47 1.54 -1.05 -8.71
C SER A 47 1.78 0.19 -9.57
N ALA A 48 2.45 0.04 -10.71
CA ALA A 48 2.64 1.21 -11.57
C ALA A 48 1.33 1.65 -12.20
N VAL A 49 0.49 0.70 -12.60
CA VAL A 49 -0.77 1.05 -13.26
C VAL A 49 -1.67 1.86 -12.32
N ARG A 50 -1.66 1.53 -11.03
CA ARG A 50 -2.40 2.29 -10.04
C ARG A 50 -1.70 3.58 -9.61
N LYS A 51 -0.56 3.91 -10.23
CA LYS A 51 0.08 5.22 -10.08
C LYS A 51 0.71 5.41 -8.69
N ALA A 52 1.13 4.32 -8.07
CA ALA A 52 1.96 4.41 -6.88
C ALA A 52 3.22 5.22 -7.18
N GLY A 53 3.50 6.21 -6.34
CA GLY A 53 4.67 7.05 -6.52
C GLY A 53 4.50 8.19 -7.51
N ILE A 54 3.31 8.36 -8.09
CA ILE A 54 3.09 9.41 -9.08
C ILE A 54 3.39 10.79 -8.50
N ALA A 55 3.28 10.96 -7.18
CA ALA A 55 3.60 12.24 -6.56
C ALA A 55 5.01 12.71 -6.91
N HIS A 56 5.94 11.77 -7.10
CA HIS A 56 7.30 12.14 -7.42
C HIS A 56 7.42 12.71 -8.82
N LEU A 57 6.64 12.18 -9.76
CA LEU A 57 6.63 12.76 -11.11
C LEU A 57 6.13 14.18 -11.11
N TYR A 58 5.36 14.57 -10.11
CA TYR A 58 4.76 15.90 -10.13
C TYR A 58 5.45 16.85 -9.18
N GLY A 59 6.61 16.47 -8.66
CA GLY A 59 7.47 17.39 -7.94
C GLY A 59 7.30 17.45 -6.44
N ILE A 60 6.77 16.41 -5.81
CA ILE A 60 6.59 16.45 -4.36
C ILE A 60 7.93 16.65 -3.66
N ALA A 61 9.01 16.14 -4.25
CA ALA A 61 10.34 16.30 -3.71
C ALA A 61 11.14 17.36 -4.45
N GLY A 62 10.48 18.18 -5.26
CA GLY A 62 11.16 19.20 -6.02
C GLY A 62 11.41 18.73 -7.44
N VAL A 71 8.60 6.99 -14.88
CA VAL A 71 9.17 7.87 -15.91
C VAL A 71 9.06 7.31 -17.35
N LYS A 72 9.31 6.02 -17.49
CA LYS A 72 8.93 5.31 -18.69
C LYS A 72 7.41 5.26 -18.78
N LYS A 73 6.90 5.27 -20.00
CA LYS A 73 5.49 4.97 -20.18
C LYS A 73 5.20 3.55 -19.72
N LEU A 74 3.95 3.32 -19.33
CA LEU A 74 3.58 2.10 -18.64
C LEU A 74 3.76 0.86 -19.51
N ASP A 75 3.50 0.96 -20.82
CA ASP A 75 3.71 -0.21 -21.66
C ASP A 75 5.19 -0.54 -21.84
N VAL A 76 6.07 0.47 -21.80
CA VAL A 76 7.52 0.22 -21.86
C VAL A 76 8.00 -0.42 -20.56
N LEU A 77 7.58 0.16 -19.42
CA LEU A 77 7.99 -0.37 -18.12
C LEU A 77 7.48 -1.79 -17.94
N SER A 78 6.22 -2.05 -18.32
CA SER A 78 5.66 -3.40 -18.21
C SER A 78 6.45 -4.40 -19.06
N ASN A 79 6.84 -4.00 -20.27
CA ASN A 79 7.61 -4.91 -21.10
C ASN A 79 8.95 -5.24 -20.44
N ASP A 80 9.59 -4.23 -19.86
CA ASP A 80 10.85 -4.46 -19.16
C ASP A 80 10.66 -5.37 -17.95
N LEU A 81 9.54 -5.21 -17.23
CA LEU A 81 9.28 -6.04 -16.06
C LEU A 81 9.08 -7.50 -16.46
N VAL A 82 8.22 -7.75 -17.46
CA VAL A 82 7.98 -9.13 -17.87
C VAL A 82 9.26 -9.74 -18.43
N MET A 83 9.93 -9.00 -19.32
CA MET A 83 11.15 -9.51 -19.92
C MET A 83 12.16 -9.92 -18.86
N ASN A 84 12.43 -9.02 -17.91
CA ASN A 84 13.52 -9.24 -16.97
C ASN A 84 13.22 -10.33 -15.97
N MET A 85 11.94 -10.49 -15.55
CA MET A 85 11.60 -11.58 -14.65
C MET A 85 11.67 -12.94 -15.35
N LEU A 86 11.25 -13.01 -16.61
CA LEU A 86 11.30 -14.30 -17.32
C LEU A 86 12.73 -14.74 -17.62
N LYS A 87 13.55 -13.83 -18.15
CA LYS A 87 14.97 -14.12 -18.32
C LYS A 87 15.59 -14.62 -17.03
N SER A 88 15.37 -13.90 -15.93
CA SER A 88 16.03 -14.24 -14.68
C SER A 88 15.38 -15.44 -13.97
N SER A 89 14.34 -16.02 -14.54
CA SER A 89 13.69 -17.20 -13.96
C SER A 89 14.40 -18.51 -14.27
N PHE A 90 15.37 -18.50 -15.20
CA PHE A 90 16.07 -19.69 -15.68
C PHE A 90 15.13 -20.74 -16.26
N ALA A 91 13.95 -20.35 -16.73
CA ALA A 91 12.99 -21.32 -17.21
C ALA A 91 12.64 -21.14 -18.67
N THR A 92 13.15 -20.09 -19.32
CA THR A 92 12.75 -19.71 -20.67
C THR A 92 13.97 -19.73 -21.60
N CYS A 93 13.68 -19.81 -22.91
CA CYS A 93 14.72 -19.74 -23.94
C CYS A 93 14.33 -18.82 -25.10
N VAL A 94 13.02 -18.67 -25.35
CA VAL A 94 12.53 -17.80 -26.41
C VAL A 94 11.34 -16.97 -25.90
N LEU A 95 11.42 -15.66 -26.06
CA LEU A 95 10.38 -14.74 -25.58
C LEU A 95 9.89 -13.88 -26.73
N VAL A 96 8.57 -13.85 -26.93
CA VAL A 96 7.92 -13.03 -27.94
C VAL A 96 7.08 -12.01 -27.21
N SER A 97 7.23 -10.76 -27.58
CA SER A 97 6.51 -9.69 -26.96
C SER A 97 5.83 -8.84 -28.02
N GLU A 98 4.66 -8.33 -27.67
CA GLU A 98 3.96 -7.38 -28.53
C GLU A 98 4.83 -6.19 -28.85
N GLU A 99 5.80 -5.88 -27.99
CA GLU A 99 6.63 -4.69 -28.10
C GLU A 99 7.82 -4.83 -29.02
N ASP A 100 8.27 -6.04 -29.33
CA ASP A 100 9.53 -6.23 -30.03
C ASP A 100 9.33 -6.91 -31.37
N LYS A 101 10.04 -6.40 -32.39
CA LYS A 101 9.91 -6.94 -33.74
C LYS A 101 10.36 -8.41 -33.81
N HIS A 102 11.44 -8.76 -33.10
CA HIS A 102 11.96 -10.12 -33.16
C HIS A 102 11.85 -10.78 -31.79
N ALA A 103 11.82 -12.11 -31.82
CA ALA A 103 11.87 -12.90 -30.61
C ALA A 103 13.19 -12.66 -29.89
N ILE A 104 13.15 -12.73 -28.56
CA ILE A 104 14.34 -12.60 -27.73
C ILE A 104 14.82 -14.00 -27.38
N ILE A 105 16.08 -14.27 -27.65
CA ILE A 105 16.73 -15.55 -27.31
C ILE A 105 17.48 -15.34 -26.01
N VAL A 106 17.11 -16.12 -24.98
CA VAL A 106 17.71 -15.98 -23.66
C VAL A 106 19.18 -16.42 -23.72
N GLU A 107 20.05 -15.69 -23.02
CA GLU A 107 21.45 -16.05 -23.01
C GLU A 107 21.65 -17.45 -22.44
N PRO A 108 22.64 -18.19 -22.94
CA PRO A 108 22.73 -19.62 -22.61
C PRO A 108 22.74 -19.93 -21.13
N GLU A 109 23.42 -19.12 -20.32
CA GLU A 109 23.53 -19.45 -18.91
C GLU A 109 22.20 -19.29 -18.19
N LYS A 110 21.21 -18.67 -18.81
CA LYS A 110 19.91 -18.50 -18.19
C LYS A 110 18.81 -19.27 -18.89
N ARG A 111 19.17 -20.11 -19.86
CA ARG A 111 18.17 -20.76 -20.68
C ARG A 111 17.49 -21.89 -19.93
N GLY A 112 16.15 -21.86 -19.95
CA GLY A 112 15.31 -22.97 -19.61
C GLY A 112 14.59 -23.50 -20.83
N LYS A 113 13.51 -24.24 -20.59
CA LYS A 113 12.86 -25.02 -21.64
C LYS A 113 11.60 -24.40 -22.21
N TYR A 114 11.15 -23.25 -21.72
CA TYR A 114 9.83 -22.74 -22.09
C TYR A 114 9.91 -21.55 -23.05
N VAL A 115 8.87 -21.44 -23.87
CA VAL A 115 8.66 -20.34 -24.80
C VAL A 115 7.49 -19.53 -24.29
N VAL A 116 7.65 -18.21 -24.20
CA VAL A 116 6.59 -17.37 -23.68
C VAL A 116 6.28 -16.26 -24.67
N CYS A 117 5.02 -16.15 -25.06
CA CYS A 117 4.52 -15.08 -25.88
C CYS A 117 3.62 -14.23 -25.00
N PHE A 118 3.86 -12.93 -24.98
CA PHE A 118 3.05 -12.11 -24.08
C PHE A 118 2.77 -10.74 -24.66
N ASP A 119 1.68 -10.16 -24.16
CA ASP A 119 1.34 -8.77 -24.39
C ASP A 119 1.43 -8.05 -23.04
N PRO A 120 2.49 -7.27 -22.80
CA PRO A 120 2.74 -6.80 -21.41
C PRO A 120 1.67 -5.86 -20.88
N LEU A 121 1.13 -4.97 -21.71
CA LEU A 121 0.10 -4.04 -21.23
C LEU A 121 -0.91 -3.80 -22.36
N ASP A 122 -1.74 -4.81 -22.62
CA ASP A 122 -2.76 -4.68 -23.65
C ASP A 122 -3.75 -3.58 -23.28
N GLY A 123 -4.12 -2.78 -24.26
CA GLY A 123 -5.04 -1.68 -24.03
C GLY A 123 -4.44 -0.38 -23.54
N SER A 124 -3.10 -0.30 -23.38
CA SER A 124 -2.47 0.88 -22.79
C SER A 124 -2.52 2.12 -23.68
N SER A 125 -2.85 1.98 -24.97
CA SER A 125 -2.95 3.14 -25.85
C SER A 125 -3.98 4.14 -25.35
N ASN A 126 -5.04 3.65 -24.70
CA ASN A 126 -6.09 4.49 -24.15
C ASN A 126 -6.06 4.55 -22.61
N ILE A 127 -4.89 4.33 -22.01
CA ILE A 127 -4.80 4.37 -20.55
C ILE A 127 -4.90 5.78 -19.99
N ASP A 128 -4.88 6.80 -20.86
CA ASP A 128 -5.09 8.18 -20.43
C ASP A 128 -6.50 8.42 -19.90
N CYS A 129 -7.48 7.58 -20.27
CA CYS A 129 -8.81 7.72 -19.72
C CYS A 129 -9.06 6.73 -18.58
N LEU A 130 -8.01 6.05 -18.09
CA LEU A 130 -8.09 5.10 -16.99
C LEU A 130 -8.94 3.86 -17.31
N VAL A 131 -9.10 3.54 -18.59
CA VAL A 131 -9.73 2.29 -18.99
C VAL A 131 -8.95 1.11 -18.41
N SER A 132 -9.65 -0.01 -18.20
CA SER A 132 -9.00 -1.24 -17.77
C SER A 132 -7.90 -1.66 -18.75
N VAL A 133 -6.79 -2.13 -18.19
CA VAL A 133 -5.70 -2.69 -18.97
C VAL A 133 -5.35 -4.05 -18.39
N GLY A 134 -4.42 -4.75 -19.05
CA GLY A 134 -4.10 -6.10 -18.63
C GLY A 134 -2.86 -6.63 -19.32
N THR A 135 -2.46 -7.83 -18.87
CA THR A 135 -1.32 -8.57 -19.39
C THR A 135 -1.77 -9.95 -19.87
N ILE A 136 -1.38 -10.32 -21.08
CA ILE A 136 -1.75 -11.60 -21.67
C ILE A 136 -0.47 -12.41 -21.88
N PHE A 137 -0.51 -13.70 -21.58
CA PHE A 137 0.67 -14.56 -21.75
C PHE A 137 0.29 -15.97 -22.20
N GLY A 138 1.16 -16.56 -23.00
CA GLY A 138 1.03 -17.96 -23.39
C GLY A 138 2.36 -18.68 -23.28
N ILE A 139 2.31 -19.91 -22.76
CA ILE A 139 3.52 -20.64 -22.41
C ILE A 139 3.56 -21.94 -23.20
N TYR A 140 4.66 -22.15 -23.93
CA TYR A 140 4.91 -23.37 -24.71
C TYR A 140 6.17 -24.09 -24.23
N ARG A 141 6.21 -25.39 -24.45
CA ARG A 141 7.45 -26.15 -24.31
C ARG A 141 8.21 -26.10 -25.64
N LYS A 142 9.48 -25.75 -25.57
CA LYS A 142 10.33 -25.85 -26.76
C LYS A 142 10.44 -27.30 -27.20
N LYS A 143 10.04 -27.57 -28.44
CA LYS A 143 9.93 -28.94 -28.93
C LYS A 143 11.17 -29.39 -29.69
N SER A 144 11.75 -28.55 -30.52
CA SER A 144 12.85 -29.02 -31.33
C SER A 144 14.13 -29.02 -30.51
N THR A 145 15.11 -29.76 -31.00
CA THR A 145 16.43 -29.83 -30.38
C THR A 145 17.40 -28.83 -31.00
N ASP A 146 16.97 -28.05 -31.99
CA ASP A 146 17.83 -27.03 -32.56
C ASP A 146 18.14 -25.95 -31.53
N GLU A 147 19.12 -25.12 -31.87
CA GLU A 147 19.37 -23.92 -31.10
C GLU A 147 18.08 -23.09 -31.01
N PRO A 148 17.81 -22.46 -29.86
CA PRO A 148 16.59 -21.67 -29.73
C PRO A 148 16.51 -20.56 -30.78
N SER A 149 15.30 -20.34 -31.30
CA SER A 149 15.12 -19.32 -32.32
C SER A 149 13.65 -18.95 -32.39
N GLU A 150 13.38 -17.87 -33.13
CA GLU A 150 12.04 -17.39 -33.37
C GLU A 150 11.11 -18.52 -33.82
N LYS A 151 11.64 -19.52 -34.55
CA LYS A 151 10.81 -20.62 -35.04
C LYS A 151 10.16 -21.41 -33.92
N ASP A 152 10.74 -21.37 -32.71
CA ASP A 152 10.20 -22.13 -31.58
C ASP A 152 8.91 -21.53 -31.04
N ALA A 153 8.62 -20.27 -31.39
CA ALA A 153 7.36 -19.64 -31.02
C ALA A 153 6.26 -19.89 -32.05
N LEU A 154 6.58 -20.54 -33.15
CA LEU A 154 5.63 -20.77 -34.23
C LEU A 154 4.91 -22.10 -34.03
N GLN A 155 4.32 -22.24 -32.87
CA GLN A 155 3.51 -23.40 -32.54
C GLN A 155 2.03 -23.07 -32.56
N PRO A 156 1.19 -24.03 -32.91
CA PRO A 156 -0.26 -23.81 -32.82
C PRO A 156 -0.73 -23.73 -31.37
N GLY A 157 -1.83 -23.00 -31.18
CA GLY A 157 -2.38 -22.83 -29.83
C GLY A 157 -2.69 -24.13 -29.11
N ARG A 158 -2.95 -25.21 -29.88
CA ARG A 158 -3.17 -26.54 -29.30
C ARG A 158 -2.02 -27.00 -28.42
N ASN A 159 -0.82 -26.49 -28.66
CA ASN A 159 0.38 -26.93 -27.94
C ASN A 159 0.62 -26.22 -26.62
N LEU A 160 -0.27 -25.34 -26.21
CA LEU A 160 -0.04 -24.53 -25.02
C LEU A 160 0.02 -25.39 -23.77
N VAL A 161 0.98 -25.09 -22.91
CA VAL A 161 1.06 -25.70 -21.58
C VAL A 161 0.23 -24.93 -20.57
N ALA A 162 0.24 -23.60 -20.66
CA ALA A 162 -0.49 -22.71 -19.77
C ALA A 162 -0.71 -21.38 -20.48
N ALA A 163 -1.82 -20.74 -20.16
CA ALA A 163 -2.11 -19.42 -20.71
C ALA A 163 -3.00 -18.68 -19.75
N GLY A 164 -3.02 -17.36 -19.87
CA GLY A 164 -3.92 -16.59 -19.04
C GLY A 164 -3.71 -15.09 -19.19
N TYR A 165 -4.19 -14.37 -18.17
CA TYR A 165 -4.10 -12.92 -18.22
C TYR A 165 -4.25 -12.39 -16.81
N ALA A 166 -3.70 -11.21 -16.63
CA ALA A 166 -3.96 -10.40 -15.46
C ALA A 166 -4.78 -9.21 -15.93
N LEU A 167 -5.88 -8.95 -15.23
CA LEU A 167 -6.74 -7.81 -15.52
C LEU A 167 -6.53 -6.78 -14.42
N TYR A 168 -6.07 -5.58 -14.80
CA TYR A 168 -5.97 -4.44 -13.89
C TYR A 168 -7.25 -3.62 -14.05
N GLY A 169 -8.29 -4.07 -13.35
CA GLY A 169 -9.56 -3.37 -13.42
C GLY A 169 -9.87 -2.65 -12.12
N SER A 170 -11.13 -2.69 -11.69
CA SER A 170 -11.46 -2.12 -10.40
C SER A 170 -10.63 -2.79 -9.31
N ALA A 171 -10.33 -4.08 -9.49
CA ALA A 171 -9.31 -4.79 -8.74
C ALA A 171 -8.39 -5.54 -9.71
N THR A 172 -7.35 -6.19 -9.18
CA THR A 172 -6.43 -6.96 -10.01
C THR A 172 -6.63 -8.45 -9.82
N MET A 173 -6.86 -9.14 -10.93
CA MET A 173 -7.11 -10.57 -10.95
C MET A 173 -6.20 -11.25 -11.96
N LEU A 174 -5.66 -12.39 -11.55
CA LEU A 174 -4.86 -13.26 -12.41
C LEU A 174 -5.71 -14.48 -12.75
N VAL A 175 -5.99 -14.67 -14.04
CA VAL A 175 -6.70 -15.85 -14.52
C VAL A 175 -5.67 -16.78 -15.14
N LEU A 176 -5.59 -18.00 -14.63
CA LEU A 176 -4.61 -18.99 -15.05
C LEU A 176 -5.34 -20.24 -15.52
N ALA A 177 -5.18 -20.59 -16.78
CA ALA A 177 -5.75 -21.79 -17.35
C ALA A 177 -4.62 -22.76 -17.68
N MET A 178 -4.78 -24.00 -17.28
CA MET A 178 -3.89 -25.09 -17.63
C MET A 178 -4.78 -26.28 -17.98
N ASP A 179 -4.16 -27.44 -18.20
CA ASP A 179 -4.93 -28.60 -18.61
C ASP A 179 -6.00 -28.96 -17.59
N CYS A 180 -5.72 -28.70 -16.31
CA CYS A 180 -6.66 -28.97 -15.23
C CYS A 180 -7.87 -28.03 -15.20
N GLY A 181 -7.89 -26.96 -16.01
CA GLY A 181 -8.99 -26.01 -15.99
C GLY A 181 -8.54 -24.59 -15.67
N VAL A 182 -9.52 -23.75 -15.34
CA VAL A 182 -9.32 -22.31 -15.19
C VAL A 182 -9.49 -21.93 -13.72
N ASN A 183 -8.54 -21.18 -13.18
CA ASN A 183 -8.60 -20.72 -11.81
C ASN A 183 -8.29 -19.22 -11.73
N CYS A 184 -9.01 -18.52 -10.85
CA CYS A 184 -8.95 -17.07 -10.73
C CYS A 184 -8.37 -16.70 -9.38
N PHE A 185 -7.41 -15.79 -9.39
CA PHE A 185 -6.68 -15.40 -8.20
C PHE A 185 -6.75 -13.88 -8.08
N MET A 186 -7.23 -13.39 -6.95
CA MET A 186 -7.34 -11.96 -6.68
C MET A 186 -6.11 -11.49 -5.94
N LEU A 187 -5.46 -10.45 -6.46
CA LEU A 187 -4.32 -9.85 -5.77
C LEU A 187 -4.80 -9.06 -4.55
N ASP A 188 -4.37 -9.46 -3.36
CA ASP A 188 -4.58 -8.65 -2.16
C ASP A 188 -3.42 -7.65 -2.10
N PRO A 189 -3.64 -6.39 -2.45
CA PRO A 189 -2.51 -5.44 -2.47
C PRO A 189 -1.97 -5.11 -1.09
N ALA A 190 -2.72 -5.41 -0.02
CA ALA A 190 -2.19 -5.19 1.33
C ALA A 190 -1.00 -6.09 1.63
N ILE A 191 -0.92 -7.28 1.02
CA ILE A 191 0.14 -8.23 1.30
C ILE A 191 0.79 -8.77 0.04
N GLY A 192 0.39 -8.31 -1.14
CA GLY A 192 0.95 -8.79 -2.38
C GLY A 192 0.90 -10.29 -2.53
N GLU A 193 -0.29 -10.87 -2.42
CA GLU A 193 -0.46 -12.30 -2.65
C GLU A 193 -1.71 -12.49 -3.49
N PHE A 194 -1.65 -13.41 -4.45
CA PHE A 194 -2.81 -13.72 -5.28
C PHE A 194 -3.65 -14.77 -4.57
N ILE A 195 -4.86 -14.39 -4.18
CA ILE A 195 -5.71 -15.26 -3.40
C ILE A 195 -6.63 -16.02 -4.34
N LEU A 196 -6.67 -17.35 -4.18
CA LEU A 196 -7.57 -18.18 -4.99
C LEU A 196 -9.02 -17.91 -4.60
N VAL A 197 -9.80 -17.41 -5.55
CA VAL A 197 -11.18 -17.05 -5.27
C VAL A 197 -12.20 -17.76 -6.15
N ASP A 198 -11.82 -18.31 -7.31
CA ASP A 198 -12.77 -19.05 -8.16
C ASP A 198 -12.06 -20.26 -8.73
N LYS A 199 -12.45 -21.46 -8.29
CA LYS A 199 -11.80 -22.68 -8.72
C LYS A 199 -12.55 -23.32 -9.88
N ASP A 200 -11.80 -23.88 -10.82
CA ASP A 200 -12.31 -24.69 -11.93
C ASP A 200 -13.52 -24.04 -12.59
N VAL A 201 -13.28 -22.86 -13.19
CA VAL A 201 -14.34 -21.98 -13.66
C VAL A 201 -14.84 -22.43 -15.03
N LYS A 202 -16.17 -22.43 -15.21
CA LYS A 202 -16.83 -22.79 -16.46
C LYS A 202 -17.73 -21.66 -16.92
N ILE A 203 -17.69 -21.37 -18.22
CA ILE A 203 -18.50 -20.30 -18.78
C ILE A 203 -19.94 -20.78 -18.97
N LYS A 204 -20.87 -19.83 -18.93
CA LYS A 204 -22.27 -20.08 -19.26
C LYS A 204 -22.39 -20.71 -20.63
N LYS A 205 -23.36 -21.62 -20.77
CA LYS A 205 -23.60 -22.27 -22.05
C LYS A 205 -24.09 -21.27 -23.10
N LYS A 206 -24.89 -20.30 -22.67
CA LYS A 206 -25.35 -19.24 -23.55
C LYS A 206 -25.44 -17.95 -22.73
N GLY A 207 -25.07 -16.83 -23.34
CA GLY A 207 -25.07 -15.57 -22.60
C GLY A 207 -26.06 -14.57 -23.16
N LYS A 208 -26.05 -13.33 -22.66
CA LYS A 208 -27.01 -12.32 -23.10
C LYS A 208 -26.34 -10.99 -23.45
N ILE A 209 -25.06 -10.99 -23.79
CA ILE A 209 -24.34 -9.78 -24.13
C ILE A 209 -23.51 -10.03 -25.38
N TYR A 210 -23.53 -9.09 -26.32
CA TYR A 210 -22.63 -9.12 -27.46
C TYR A 210 -21.69 -7.92 -27.36
N SER A 211 -20.48 -8.08 -27.89
CA SER A 211 -19.37 -7.17 -27.63
C SER A 211 -18.51 -7.02 -28.88
N LEU A 212 -18.54 -5.85 -29.51
CA LEU A 212 -17.68 -5.49 -30.65
C LEU A 212 -17.82 -4.01 -30.95
N ASN A 213 -16.87 -3.50 -31.74
CA ASN A 213 -16.89 -2.08 -32.14
C ASN A 213 -17.88 -1.92 -33.30
N GLU A 214 -19.09 -1.46 -32.99
CA GLU A 214 -20.11 -1.25 -34.01
C GLU A 214 -19.95 0.05 -34.80
N GLY A 215 -19.05 0.94 -34.38
CA GLY A 215 -18.80 2.13 -35.18
C GLY A 215 -18.37 1.79 -36.58
N TYR A 216 -17.74 0.64 -36.76
CA TYR A 216 -17.20 0.22 -38.05
C TYR A 216 -18.19 -0.65 -38.81
N ALA A 217 -19.49 -0.46 -38.53
CA ALA A 217 -20.54 -1.26 -39.15
C ALA A 217 -20.53 -1.17 -40.67
N LYS A 218 -20.08 -0.05 -41.24
CA LYS A 218 -20.11 0.10 -42.70
C LYS A 218 -19.14 -0.85 -43.38
N ASP A 219 -18.17 -1.39 -42.63
CA ASP A 219 -17.19 -2.33 -43.15
C ASP A 219 -17.46 -3.78 -42.76
N PHE A 220 -18.55 -4.05 -42.05
CA PHE A 220 -18.80 -5.40 -41.55
C PHE A 220 -18.91 -6.41 -42.69
N ASP A 221 -18.37 -7.59 -42.43
CA ASP A 221 -18.68 -8.75 -43.24
C ASP A 221 -20.18 -9.04 -43.12
N PRO A 222 -20.81 -9.56 -44.18
CA PRO A 222 -22.26 -9.78 -44.12
C PRO A 222 -22.72 -10.70 -43.01
N ALA A 223 -21.92 -11.71 -42.64
CA ALA A 223 -22.29 -12.60 -41.55
C ALA A 223 -22.32 -11.85 -40.22
N VAL A 224 -21.35 -10.95 -40.01
CA VAL A 224 -21.33 -10.12 -38.82
C VAL A 224 -22.57 -9.22 -38.80
N THR A 225 -22.94 -8.67 -39.95
CA THR A 225 -24.14 -7.83 -40.01
C THR A 225 -25.39 -8.61 -39.64
N GLU A 226 -25.54 -9.82 -40.20
CA GLU A 226 -26.74 -10.60 -39.92
C GLU A 226 -26.79 -11.01 -38.45
N TYR A 227 -25.68 -11.56 -37.93
CA TYR A 227 -25.67 -12.03 -36.55
C TYR A 227 -25.97 -10.91 -35.55
N ILE A 228 -25.39 -9.73 -35.75
CA ILE A 228 -25.63 -8.63 -34.81
C ILE A 228 -27.08 -8.18 -34.87
N GLN A 229 -27.64 -8.12 -36.07
CA GLN A 229 -29.05 -7.78 -36.21
C GLN A 229 -29.93 -8.84 -35.54
N ARG A 230 -29.52 -10.10 -35.59
CA ARG A 230 -30.28 -11.12 -34.89
C ARG A 230 -30.27 -10.88 -33.38
N LYS A 231 -29.19 -10.30 -32.86
CA LYS A 231 -29.10 -10.00 -31.44
C LYS A 231 -29.97 -8.81 -31.06
N LYS A 232 -30.07 -7.80 -31.95
CA LYS A 232 -30.85 -6.61 -31.64
C LYS A 232 -32.34 -6.81 -31.93
N PHE A 233 -32.67 -7.57 -32.95
CA PHE A 233 -34.06 -7.81 -33.37
C PHE A 233 -34.26 -9.31 -33.44
N PRO A 234 -34.41 -9.97 -32.30
CA PRO A 234 -34.46 -11.42 -32.29
C PRO A 234 -35.64 -11.91 -33.10
N PRO A 235 -35.41 -12.86 -34.01
CA PRO A 235 -36.53 -13.37 -34.81
C PRO A 235 -37.47 -14.27 -34.03
N ASP A 236 -37.04 -14.80 -32.88
CA ASP A 236 -37.83 -15.74 -32.10
C ASP A 236 -38.61 -15.10 -30.95
N ASN A 237 -38.83 -13.79 -31.01
CA ASN A 237 -39.57 -13.06 -29.97
C ASN A 237 -38.86 -13.07 -28.62
N SER A 238 -37.59 -13.49 -28.57
CA SER A 238 -36.80 -13.46 -27.35
C SER A 238 -36.33 -12.03 -27.04
N ALA A 239 -35.76 -11.86 -25.86
CA ALA A 239 -35.31 -10.51 -25.53
C ALA A 239 -33.99 -10.21 -26.25
N PRO A 240 -33.83 -9.00 -26.76
CA PRO A 240 -32.54 -8.62 -27.36
C PRO A 240 -31.44 -8.72 -26.34
N TYR A 241 -30.23 -8.95 -26.84
CA TYR A 241 -29.05 -8.96 -26.00
C TYR A 241 -28.66 -7.54 -25.62
N GLY A 242 -27.95 -7.42 -24.48
CA GLY A 242 -27.26 -6.19 -24.17
C GLY A 242 -25.93 -6.08 -24.90
N ALA A 243 -25.44 -4.85 -25.02
CA ALA A 243 -24.17 -4.57 -25.67
C ALA A 243 -23.21 -3.96 -24.66
N ARG A 244 -21.94 -4.40 -24.72
CA ARG A 244 -20.86 -3.88 -23.90
C ARG A 244 -19.61 -3.92 -24.77
N TYR A 245 -18.84 -2.82 -24.78
CA TYR A 245 -17.56 -2.87 -25.48
C TYR A 245 -16.62 -1.88 -24.79
N VAL A 246 -15.76 -2.40 -23.92
CA VAL A 246 -14.81 -1.55 -23.23
C VAL A 246 -13.74 -1.05 -24.19
N GLY A 247 -13.38 -1.86 -25.18
CA GLY A 247 -12.28 -1.54 -26.06
C GLY A 247 -10.94 -2.02 -25.57
N SER A 248 -10.91 -2.72 -24.44
CA SER A 248 -9.70 -3.35 -23.97
C SER A 248 -9.98 -4.85 -23.89
N MET A 249 -9.19 -5.63 -24.61
CA MET A 249 -9.52 -7.03 -24.86
C MET A 249 -9.63 -7.83 -23.56
N VAL A 250 -8.70 -7.59 -22.62
CA VAL A 250 -8.72 -8.33 -21.35
C VAL A 250 -10.00 -8.05 -20.58
N ALA A 251 -10.45 -6.78 -20.55
CA ALA A 251 -11.67 -6.47 -19.82
C ALA A 251 -12.89 -7.09 -20.49
N ASP A 252 -12.98 -7.00 -21.82
CA ASP A 252 -14.13 -7.55 -22.52
C ASP A 252 -14.15 -9.07 -22.42
N VAL A 253 -12.99 -9.71 -22.62
CA VAL A 253 -12.94 -11.16 -22.57
C VAL A 253 -13.27 -11.66 -21.16
N HIS A 254 -12.78 -10.94 -20.13
CA HIS A 254 -13.06 -11.37 -18.76
C HIS A 254 -14.53 -11.25 -18.40
N ARG A 255 -15.18 -10.15 -18.81
CA ARG A 255 -16.62 -10.05 -18.66
C ARG A 255 -17.31 -11.20 -19.39
N THR A 256 -16.80 -11.54 -20.58
CA THR A 256 -17.37 -12.67 -21.31
C THR A 256 -17.23 -13.96 -20.50
N LEU A 257 -16.07 -14.17 -19.88
CA LEU A 257 -15.87 -15.38 -19.07
C LEU A 257 -16.80 -15.41 -17.87
N VAL A 258 -17.00 -14.27 -17.23
CA VAL A 258 -17.74 -14.21 -15.97
C VAL A 258 -19.24 -14.20 -16.19
N TYR A 259 -19.73 -13.43 -17.17
CA TYR A 259 -21.16 -13.31 -17.40
C TYR A 259 -21.66 -14.13 -18.59
N GLY A 260 -20.78 -14.76 -19.34
CA GLY A 260 -21.18 -15.42 -20.57
C GLY A 260 -21.43 -14.44 -21.71
N GLY A 261 -21.69 -15.00 -22.88
CA GLY A 261 -21.94 -14.17 -24.05
C GLY A 261 -20.89 -14.29 -25.14
N ILE A 262 -20.71 -13.23 -25.93
CA ILE A 262 -19.91 -13.35 -27.14
C ILE A 262 -19.11 -12.08 -27.36
N PHE A 263 -17.87 -12.26 -27.79
CA PHE A 263 -16.93 -11.21 -28.10
C PHE A 263 -16.44 -11.41 -29.52
N LEU A 264 -16.49 -10.33 -30.32
CA LEU A 264 -16.13 -10.41 -31.72
C LEU A 264 -15.10 -9.33 -32.05
N TYR A 265 -14.01 -9.74 -32.68
CA TYR A 265 -13.14 -8.86 -33.45
C TYR A 265 -12.95 -9.56 -34.78
N PRO A 266 -13.94 -9.52 -35.65
CA PRO A 266 -13.92 -10.36 -36.84
C PRO A 266 -13.10 -9.75 -37.97
N ALA A 267 -12.91 -10.57 -39.00
CA ALA A 267 -12.28 -10.11 -40.23
C ALA A 267 -13.31 -9.37 -41.07
N ASN A 268 -12.83 -8.43 -41.87
CA ASN A 268 -13.69 -7.75 -42.83
C ASN A 268 -12.91 -7.59 -44.12
N LYS A 269 -13.48 -6.82 -45.06
CA LYS A 269 -12.80 -6.61 -46.34
C LYS A 269 -11.54 -5.79 -46.16
N LYS A 270 -11.59 -4.75 -45.33
CA LYS A 270 -10.39 -3.94 -45.04
C LYS A 270 -9.39 -4.65 -44.15
N SER A 271 -9.81 -5.64 -43.34
CA SER A 271 -8.95 -6.38 -42.44
C SER A 271 -9.24 -7.85 -42.63
N PRO A 272 -8.70 -8.44 -43.71
CA PRO A 272 -9.02 -9.85 -44.02
C PRO A 272 -8.53 -10.84 -42.99
N ASN A 273 -7.58 -10.45 -42.14
CA ASN A 273 -7.13 -11.34 -41.07
C ASN A 273 -7.42 -10.78 -39.68
N GLY A 274 -8.41 -9.88 -39.53
CA GLY A 274 -8.64 -9.30 -38.23
C GLY A 274 -7.55 -8.31 -37.82
N LYS A 275 -7.66 -7.85 -36.57
CA LYS A 275 -6.68 -6.92 -36.02
C LYS A 275 -5.87 -7.52 -34.87
N LEU A 276 -6.48 -8.35 -34.03
CA LEU A 276 -5.77 -8.89 -32.87
C LEU A 276 -4.66 -9.87 -33.29
N ARG A 277 -3.62 -9.96 -32.45
CA ARG A 277 -2.43 -10.75 -32.74
C ARG A 277 -2.59 -12.17 -32.23
N LEU A 278 -2.19 -13.14 -33.06
CA LEU A 278 -2.48 -14.55 -32.80
C LEU A 278 -1.67 -15.08 -31.62
N LEU A 279 -0.37 -14.81 -31.58
CA LEU A 279 0.49 -15.51 -30.64
C LEU A 279 0.22 -15.11 -29.19
N TYR A 280 0.01 -13.80 -28.93
CA TYR A 280 -0.09 -13.32 -27.56
C TYR A 280 -1.38 -12.56 -27.29
N GLU A 281 -2.37 -12.67 -28.18
CA GLU A 281 -3.69 -12.16 -27.83
C GLU A 281 -4.74 -13.23 -28.11
N CYS A 282 -4.79 -13.76 -29.33
CA CYS A 282 -5.86 -14.68 -29.69
C CYS A 282 -5.65 -16.07 -29.08
N ASN A 283 -4.47 -16.65 -29.23
CA ASN A 283 -4.23 -17.97 -28.66
C ASN A 283 -4.42 -18.02 -27.15
N PRO A 284 -3.83 -17.12 -26.35
CA PRO A 284 -4.06 -17.24 -24.89
C PRO A 284 -5.53 -17.15 -24.49
N MET A 285 -6.31 -16.25 -25.12
CA MET A 285 -7.74 -16.15 -24.79
C MET A 285 -8.54 -17.36 -25.30
N ALA A 286 -8.18 -17.90 -26.46
CA ALA A 286 -8.87 -19.11 -26.93
C ALA A 286 -8.62 -20.28 -25.98
N TYR A 287 -7.39 -20.40 -25.48
CA TYR A 287 -7.08 -21.47 -24.54
C TYR A 287 -7.92 -21.34 -23.27
N VAL A 288 -8.04 -20.10 -22.76
CA VAL A 288 -8.85 -19.86 -21.57
C VAL A 288 -10.30 -20.19 -21.85
N MET A 289 -10.82 -19.77 -23.01
CA MET A 289 -12.21 -20.05 -23.35
C MET A 289 -12.47 -21.54 -23.41
N GLU A 290 -11.64 -22.29 -24.14
CA GLU A 290 -11.88 -23.71 -24.32
C GLU A 290 -11.75 -24.47 -23.01
N LYS A 291 -10.84 -24.07 -22.13
CA LYS A 291 -10.74 -24.71 -20.81
C LYS A 291 -11.94 -24.39 -19.92
N ALA A 292 -12.66 -23.30 -20.20
CA ALA A 292 -13.87 -22.94 -19.48
C ALA A 292 -15.14 -23.49 -20.12
N GLY A 293 -15.03 -24.40 -21.08
CA GLY A 293 -16.20 -24.90 -21.78
C GLY A 293 -16.78 -23.95 -22.80
N GLY A 294 -16.03 -22.92 -23.21
CA GLY A 294 -16.44 -22.03 -24.27
C GLY A 294 -15.78 -22.39 -25.59
N MET A 295 -15.95 -21.50 -26.57
CA MET A 295 -15.39 -21.67 -27.90
C MET A 295 -14.68 -20.40 -28.33
N ALA A 296 -13.83 -20.54 -29.35
CA ALA A 296 -13.10 -19.44 -29.95
C ALA A 296 -12.77 -19.79 -31.39
N THR A 297 -13.31 -19.03 -32.34
CA THR A 297 -13.17 -19.38 -33.76
C THR A 297 -12.69 -18.18 -34.56
N THR A 298 -11.98 -18.46 -35.65
CA THR A 298 -11.70 -17.44 -36.65
C THR A 298 -12.85 -17.26 -37.62
N GLY A 299 -13.85 -18.12 -37.54
CA GLY A 299 -14.85 -18.20 -38.59
C GLY A 299 -14.59 -19.45 -39.40
N LYS A 300 -13.32 -19.69 -39.73
CA LYS A 300 -12.96 -20.85 -40.52
C LYS A 300 -12.48 -22.04 -39.69
N GLU A 301 -11.97 -21.82 -38.49
CA GLU A 301 -11.44 -22.93 -37.70
C GLU A 301 -11.31 -22.49 -36.25
N ALA A 302 -10.93 -23.44 -35.40
CA ALA A 302 -10.56 -23.07 -34.03
C ALA A 302 -9.29 -22.24 -34.05
N VAL A 303 -9.27 -21.18 -33.24
CA VAL A 303 -8.11 -20.31 -33.12
C VAL A 303 -6.88 -21.11 -32.77
N LEU A 304 -7.01 -22.04 -31.81
CA LEU A 304 -5.89 -22.84 -31.35
C LEU A 304 -5.33 -23.78 -32.42
N ASP A 305 -6.04 -23.98 -33.54
CA ASP A 305 -5.56 -24.84 -34.62
C ASP A 305 -4.80 -24.08 -35.71
N VAL A 306 -4.83 -22.74 -35.70
CA VAL A 306 -4.11 -22.00 -36.72
C VAL A 306 -2.62 -22.24 -36.54
N ILE A 307 -1.94 -22.65 -37.60
CA ILE A 307 -0.51 -22.89 -37.57
C ILE A 307 0.18 -21.60 -38.03
N PRO A 308 0.82 -20.87 -37.13
CA PRO A 308 1.37 -19.56 -37.51
C PRO A 308 2.64 -19.68 -38.34
N THR A 309 2.85 -18.67 -39.16
CA THR A 309 4.08 -18.53 -39.92
C THR A 309 4.84 -17.27 -39.56
N ASP A 310 4.25 -16.34 -38.82
CA ASP A 310 4.92 -15.09 -38.44
C ASP A 310 4.50 -14.72 -37.03
N ILE A 311 5.48 -14.43 -36.17
CA ILE A 311 5.18 -14.26 -34.74
C ILE A 311 4.22 -13.12 -34.47
N HIS A 312 4.12 -12.14 -35.36
CA HIS A 312 3.24 -11.00 -35.17
C HIS A 312 2.02 -11.03 -36.09
N GLN A 313 1.65 -12.21 -36.60
CA GLN A 313 0.53 -12.28 -37.52
C GLN A 313 -0.79 -12.08 -36.78
N ARG A 314 -1.79 -11.57 -37.50
CA ARG A 314 -3.09 -11.27 -36.96
C ARG A 314 -4.06 -12.42 -37.22
N ALA A 315 -5.16 -12.44 -36.48
CA ALA A 315 -6.16 -13.47 -36.63
C ALA A 315 -7.51 -12.90 -36.25
N PRO A 316 -8.55 -13.18 -37.03
CA PRO A 316 -9.91 -12.85 -36.58
C PRO A 316 -10.25 -13.76 -35.41
N VAL A 317 -11.09 -13.25 -34.51
CA VAL A 317 -11.48 -14.02 -33.34
C VAL A 317 -12.93 -13.71 -32.99
N ILE A 318 -13.69 -14.77 -32.74
CA ILE A 318 -15.04 -14.70 -32.18
C ILE A 318 -15.07 -15.77 -31.08
N LEU A 319 -15.33 -15.35 -29.84
CA LEU A 319 -15.24 -16.27 -28.71
C LEU A 319 -16.35 -15.99 -27.69
N GLY A 320 -16.55 -16.95 -26.80
CA GLY A 320 -17.47 -16.81 -25.70
C GLY A 320 -18.27 -18.07 -25.42
N SER A 321 -19.49 -17.90 -24.90
CA SER A 321 -20.36 -19.02 -24.61
C SER A 321 -20.56 -19.89 -25.85
N PRO A 322 -20.51 -21.22 -25.68
CA PRO A 322 -20.60 -22.10 -26.87
C PRO A 322 -21.91 -21.98 -27.65
N ASP A 323 -23.07 -21.82 -27.02
CA ASP A 323 -24.27 -21.66 -27.83
C ASP A 323 -24.19 -20.41 -28.70
N ASP A 324 -23.65 -19.31 -28.15
CA ASP A 324 -23.56 -18.08 -28.93
C ASP A 324 -22.58 -18.22 -30.08
N VAL A 325 -21.40 -18.80 -29.82
CA VAL A 325 -20.44 -18.98 -30.90
C VAL A 325 -21.03 -19.86 -32.00
N LEU A 326 -21.71 -20.94 -31.62
CA LEU A 326 -22.32 -21.83 -32.61
C LEU A 326 -23.38 -21.10 -33.42
N GLU A 327 -24.13 -20.20 -32.78
CA GLU A 327 -25.11 -19.43 -33.53
C GLU A 327 -24.41 -18.57 -34.58
N PHE A 328 -23.30 -17.94 -34.20
CA PHE A 328 -22.53 -17.16 -35.15
C PHE A 328 -22.05 -18.00 -36.30
N LEU A 329 -21.53 -19.21 -36.00
CA LEU A 329 -20.97 -20.08 -37.03
C LEU A 329 -22.03 -20.59 -37.98
N LYS A 330 -23.26 -20.82 -37.51
CA LYS A 330 -24.36 -21.12 -38.42
C LYS A 330 -24.58 -19.97 -39.40
N VAL A 331 -24.65 -18.73 -38.87
CA VAL A 331 -24.82 -17.58 -39.75
C VAL A 331 -23.64 -17.45 -40.70
N TYR A 332 -22.42 -17.66 -40.21
CA TYR A 332 -21.24 -17.53 -41.06
C TYR A 332 -21.28 -18.53 -42.21
N GLU A 333 -21.67 -19.77 -41.91
CA GLU A 333 -21.84 -20.80 -42.94
C GLU A 333 -23.00 -20.48 -43.88
N LYS A 334 -24.08 -19.89 -43.37
CA LYS A 334 -25.23 -19.53 -44.20
C LYS A 334 -24.82 -18.60 -45.33
N HIS A 335 -23.81 -17.77 -45.11
CA HIS A 335 -23.28 -16.87 -46.12
C HIS A 335 -22.19 -17.52 -46.93
N SER A 336 -22.19 -18.86 -46.99
CA SER A 336 -21.20 -19.64 -47.72
C SER A 336 -19.78 -19.26 -47.26
N ASP B 10 5.02 23.34 -9.86
CA ASP B 10 4.98 23.16 -8.41
C ASP B 10 3.81 22.26 -8.01
N VAL B 11 4.15 21.21 -7.26
CA VAL B 11 3.17 20.19 -6.91
C VAL B 11 2.01 20.77 -6.11
N ASN B 12 0.85 20.14 -6.25
CA ASN B 12 -0.29 20.51 -5.43
C ASN B 12 -1.16 19.29 -5.21
N THR B 13 -1.81 19.28 -4.04
CA THR B 13 -2.74 18.25 -3.64
C THR B 13 -4.16 18.82 -3.63
N LEU B 14 -5.13 17.92 -3.55
CA LEU B 14 -6.52 18.33 -3.60
C LEU B 14 -6.88 19.18 -2.39
N THR B 15 -6.54 18.70 -1.20
CA THR B 15 -6.85 19.45 0.03
C THR B 15 -6.18 20.82 0.03
N ARG B 16 -4.90 20.89 -0.32
CA ARG B 16 -4.20 22.17 -0.30
C ARG B 16 -4.79 23.13 -1.33
N PHE B 17 -5.04 22.64 -2.55
CA PHE B 17 -5.70 23.44 -3.59
C PHE B 17 -7.05 23.99 -3.11
N VAL B 18 -7.84 23.16 -2.43
CA VAL B 18 -9.16 23.60 -1.98
C VAL B 18 -9.06 24.61 -0.86
N MET B 19 -8.11 24.42 0.06
CA MET B 19 -7.87 25.40 1.11
C MET B 19 -7.43 26.73 0.51
N GLU B 20 -6.52 26.70 -0.47
CA GLU B 20 -6.00 27.95 -1.00
C GLU B 20 -7.11 28.73 -1.70
N GLU B 21 -7.98 28.04 -2.45
CA GLU B 21 -9.13 28.69 -3.08
C GLU B 21 -10.15 29.17 -2.06
N GLY B 22 -10.38 28.39 -1.00
CA GLY B 22 -11.35 28.79 0.00
C GLY B 22 -10.93 30.01 0.77
N ARG B 23 -9.63 30.15 1.03
CA ARG B 23 -9.14 31.32 1.73
C ARG B 23 -9.26 32.58 0.85
N LYS B 24 -8.88 32.47 -0.43
CA LYS B 24 -9.06 33.58 -1.36
C LYS B 24 -10.50 34.08 -1.37
N ALA B 25 -11.46 33.16 -1.30
CA ALA B 25 -12.87 33.50 -1.33
C ALA B 25 -13.37 33.99 0.02
N ARG B 26 -12.58 33.82 1.08
CA ARG B 26 -12.94 34.27 2.43
C ARG B 26 -14.20 33.57 2.93
N GLY B 27 -14.33 32.27 2.63
CA GLY B 27 -15.46 31.52 3.13
C GLY B 27 -15.25 31.09 4.54
N THR B 28 -16.29 30.51 5.15
CA THR B 28 -16.15 30.12 6.55
C THR B 28 -15.23 28.91 6.73
N GLY B 29 -14.98 28.14 5.67
CA GLY B 29 -14.24 26.88 5.78
C GLY B 29 -15.09 25.62 5.72
N GLU B 30 -16.42 25.74 5.78
CA GLU B 30 -17.29 24.58 5.87
C GLU B 30 -17.19 23.73 4.63
N LEU B 31 -17.16 24.35 3.45
CA LEU B 31 -17.07 23.58 2.21
C LEU B 31 -15.77 22.80 2.13
N THR B 32 -14.66 23.40 2.57
CA THR B 32 -13.39 22.68 2.61
C THR B 32 -13.49 21.45 3.52
N GLN B 33 -14.18 21.59 4.66
CA GLN B 33 -14.34 20.45 5.57
C GLN B 33 -15.19 19.36 4.93
N LEU B 34 -16.27 19.76 4.27
CA LEU B 34 -17.05 18.84 3.44
C LEU B 34 -16.13 18.05 2.50
N LEU B 35 -15.41 18.76 1.64
CA LEU B 35 -14.66 18.09 0.59
C LEU B 35 -13.55 17.21 1.16
N ASN B 36 -12.89 17.65 2.23
CA ASN B 36 -11.83 16.83 2.80
C ASN B 36 -12.38 15.52 3.36
N SER B 37 -13.53 15.59 4.04
CA SER B 37 -14.19 14.40 4.54
C SER B 37 -14.59 13.48 3.39
N LEU B 38 -15.12 14.07 2.32
CA LEU B 38 -15.49 13.25 1.18
C LEU B 38 -14.27 12.51 0.63
N CYS B 39 -13.14 13.22 0.54
N CYS B 39 -13.14 13.21 0.53
CA CYS B 39 -11.91 12.64 0.03
CA CYS B 39 -11.93 12.60 0.01
C CYS B 39 -11.44 11.48 0.89
C CYS B 39 -11.46 11.45 0.89
N THR B 40 -11.55 11.62 2.21
CA THR B 40 -11.23 10.52 3.10
C THR B 40 -12.10 9.31 2.79
N ALA B 41 -13.41 9.52 2.60
CA ALA B 41 -14.30 8.42 2.23
C ALA B 41 -13.90 7.77 0.90
N VAL B 42 -13.48 8.57 -0.09
CA VAL B 42 -13.14 8.04 -1.41
C VAL B 42 -11.88 7.17 -1.35
N LYS B 43 -10.87 7.63 -0.60
CA LYS B 43 -9.69 6.81 -0.41
C LYS B 43 -10.03 5.50 0.29
N ALA B 44 -11.01 5.52 1.20
CA ALA B 44 -11.40 4.29 1.89
C ALA B 44 -12.11 3.34 0.94
N ILE B 45 -13.01 3.87 0.11
CA ILE B 45 -13.69 3.07 -0.90
C ILE B 45 -12.68 2.48 -1.89
N SER B 46 -11.77 3.31 -2.41
CA SER B 46 -10.76 2.82 -3.33
C SER B 46 -10.01 1.63 -2.77
N SER B 47 -9.59 1.74 -1.51
CA SER B 47 -8.83 0.66 -0.89
C SER B 47 -9.62 -0.64 -0.87
N ALA B 48 -10.92 -0.55 -0.53
CA ALA B 48 -11.76 -1.75 -0.50
C ALA B 48 -12.04 -2.27 -1.92
N VAL B 49 -12.23 -1.35 -2.88
CA VAL B 49 -12.51 -1.77 -4.24
C VAL B 49 -11.33 -2.53 -4.83
N ARG B 50 -10.10 -2.09 -4.54
CA ARG B 50 -8.91 -2.81 -5.01
C ARG B 50 -8.60 -4.05 -4.16
N LYS B 51 -9.50 -4.36 -3.21
CA LYS B 51 -9.51 -5.63 -2.49
C LYS B 51 -8.35 -5.77 -1.51
N ALA B 52 -7.88 -4.66 -0.94
CA ALA B 52 -6.93 -4.76 0.18
C ALA B 52 -7.59 -5.49 1.34
N GLY B 53 -6.91 -6.50 1.85
CA GLY B 53 -7.43 -7.28 2.96
C GLY B 53 -8.30 -8.45 2.54
N ILE B 54 -8.46 -8.69 1.24
CA ILE B 54 -9.33 -9.77 0.79
C ILE B 54 -8.88 -11.12 1.35
N ALA B 55 -7.57 -11.28 1.58
CA ALA B 55 -7.07 -12.52 2.16
C ALA B 55 -7.76 -12.86 3.48
N HIS B 56 -8.14 -11.85 4.27
CA HIS B 56 -8.79 -12.18 5.53
C HIS B 56 -10.18 -12.76 5.29
N LEU B 57 -10.88 -12.27 4.26
CA LEU B 57 -12.19 -12.82 3.94
C LEU B 57 -12.10 -14.27 3.49
N TYR B 58 -10.95 -14.72 3.00
CA TYR B 58 -10.78 -16.09 2.53
C TYR B 58 -10.02 -16.96 3.51
N GLY B 59 -9.89 -16.51 4.75
CA GLY B 59 -9.44 -17.39 5.81
C GLY B 59 -7.95 -17.39 6.07
N ILE B 60 -7.24 -16.32 5.75
CA ILE B 60 -5.80 -16.35 5.96
C ILE B 60 -5.49 -16.54 7.43
N ALA B 61 -6.36 -16.06 8.32
CA ALA B 61 -6.16 -16.24 9.75
C ALA B 61 -7.12 -17.26 10.35
N GLY B 62 -7.78 -18.07 9.51
CA GLY B 62 -8.73 -19.06 9.98
C GLY B 62 -10.21 -18.66 9.90
N LYS B 73 -22.05 -6.37 -0.44
CA LYS B 73 -21.35 -5.74 0.67
C LYS B 73 -20.58 -4.50 0.24
N LEU B 74 -19.96 -4.53 -0.94
CA LEU B 74 -19.06 -3.43 -1.28
C LEU B 74 -19.83 -2.13 -1.49
N ASP B 75 -21.02 -2.19 -2.08
CA ASP B 75 -21.80 -0.94 -2.18
C ASP B 75 -22.32 -0.51 -0.82
N VAL B 76 -22.57 -1.45 0.09
CA VAL B 76 -23.02 -1.10 1.44
C VAL B 76 -21.92 -0.38 2.21
N LEU B 77 -20.70 -0.93 2.17
CA LEU B 77 -19.58 -0.31 2.86
C LEU B 77 -19.29 1.09 2.32
N SER B 78 -19.32 1.24 0.99
CA SER B 78 -19.07 2.54 0.38
C SER B 78 -20.11 3.55 0.82
N ASN B 79 -21.37 3.13 0.87
CA ASN B 79 -22.42 4.02 1.34
C ASN B 79 -22.17 4.42 2.78
N ASP B 80 -21.79 3.46 3.64
CA ASP B 80 -21.50 3.76 5.04
C ASP B 80 -20.33 4.73 5.16
N LEU B 81 -19.32 4.55 4.32
CA LEU B 81 -18.15 5.42 4.39
C LEU B 81 -18.52 6.87 4.08
N VAL B 82 -19.28 7.08 3.01
CA VAL B 82 -19.68 8.44 2.65
C VAL B 82 -20.62 9.03 3.69
N MET B 83 -21.68 8.30 4.04
CA MET B 83 -22.63 8.80 5.04
C MET B 83 -21.92 9.22 6.31
N ASN B 84 -21.04 8.36 6.81
CA ASN B 84 -20.46 8.65 8.11
C ASN B 84 -19.42 9.77 8.04
N MET B 85 -18.64 9.86 6.96
CA MET B 85 -17.70 10.97 6.86
C MET B 85 -18.43 12.30 6.65
N LEU B 86 -19.52 12.30 5.86
CA LEU B 86 -20.21 13.56 5.67
C LEU B 86 -20.92 14.00 6.96
N LYS B 87 -21.59 13.07 7.64
CA LYS B 87 -22.22 13.40 8.92
C LYS B 87 -21.22 14.00 9.90
N SER B 88 -20.05 13.36 10.08
CA SER B 88 -19.08 13.81 11.06
C SER B 88 -18.28 15.02 10.60
N SER B 89 -18.54 15.54 9.39
CA SER B 89 -17.86 16.75 8.95
C SER B 89 -18.48 18.03 9.52
N PHE B 90 -19.65 17.94 10.15
CA PHE B 90 -20.39 19.11 10.65
C PHE B 90 -20.66 20.11 9.53
N ALA B 91 -20.76 19.63 8.30
CA ALA B 91 -20.95 20.50 7.16
C ALA B 91 -22.26 20.28 6.42
N THR B 92 -23.02 19.23 6.75
CA THR B 92 -24.19 18.84 5.98
C THR B 92 -25.44 18.80 6.84
N CYS B 93 -26.59 18.80 6.17
CA CYS B 93 -27.89 18.69 6.84
C CYS B 93 -28.86 17.72 6.15
N VAL B 94 -28.71 17.51 4.84
CA VAL B 94 -29.55 16.56 4.11
C VAL B 94 -28.67 15.75 3.18
N LEU B 95 -28.76 14.42 3.27
CA LEU B 95 -27.95 13.49 2.48
C LEU B 95 -28.88 12.60 1.66
N VAL B 96 -28.68 12.57 0.34
CA VAL B 96 -29.44 11.71 -0.55
C VAL B 96 -28.47 10.77 -1.25
N SER B 97 -28.75 9.48 -1.18
CA SER B 97 -27.89 8.45 -1.73
C SER B 97 -28.73 7.50 -2.58
N GLU B 98 -28.09 6.97 -3.62
CA GLU B 98 -28.72 5.93 -4.41
C GLU B 98 -29.14 4.75 -3.54
N GLU B 99 -28.45 4.53 -2.42
CA GLU B 99 -28.73 3.34 -1.61
C GLU B 99 -29.95 3.49 -0.72
N ASP B 100 -30.45 4.71 -0.48
CA ASP B 100 -31.46 4.93 0.54
C ASP B 100 -32.75 5.47 -0.09
N LYS B 101 -33.89 4.89 0.32
CA LYS B 101 -35.18 5.27 -0.23
C LYS B 101 -35.54 6.71 0.08
N HIS B 102 -35.25 7.17 1.29
CA HIS B 102 -35.60 8.52 1.71
C HIS B 102 -34.34 9.30 2.00
N ALA B 103 -34.44 10.62 1.96
CA ALA B 103 -33.32 11.44 2.35
C ALA B 103 -32.93 11.17 3.80
N ILE B 104 -31.64 11.30 4.08
CA ILE B 104 -31.12 11.13 5.42
C ILE B 104 -30.98 12.53 6.01
N ILE B 105 -31.62 12.77 7.15
CA ILE B 105 -31.56 14.07 7.82
C ILE B 105 -30.49 14.00 8.90
N VAL B 106 -29.51 14.90 8.81
CA VAL B 106 -28.43 14.95 9.78
C VAL B 106 -28.94 15.42 11.14
N GLU B 107 -28.46 14.79 12.21
CA GLU B 107 -28.93 15.15 13.53
C GLU B 107 -28.45 16.55 13.91
N PRO B 108 -29.22 17.28 14.72
CA PRO B 108 -28.97 18.72 14.89
C PRO B 108 -27.55 19.07 15.32
N GLU B 109 -26.96 18.29 16.22
CA GLU B 109 -25.63 18.64 16.74
C GLU B 109 -24.53 18.47 15.71
N LYS B 110 -24.82 17.86 14.56
CA LYS B 110 -23.83 17.70 13.50
C LYS B 110 -24.21 18.44 12.21
N ARG B 111 -25.25 19.29 12.24
CA ARG B 111 -25.77 19.92 11.03
C ARG B 111 -24.89 21.05 10.53
N GLY B 112 -24.57 21.03 9.24
CA GLY B 112 -24.07 22.17 8.52
C GLY B 112 -25.06 22.65 7.47
N LYS B 113 -24.57 23.46 6.54
CA LYS B 113 -25.45 24.15 5.61
C LYS B 113 -25.55 23.52 4.22
N TYR B 114 -24.87 22.41 3.97
CA TYR B 114 -24.77 21.86 2.62
C TYR B 114 -25.59 20.58 2.46
N VAL B 115 -26.12 20.39 1.24
CA VAL B 115 -26.85 19.19 0.83
C VAL B 115 -25.99 18.42 -0.18
N VAL B 116 -25.88 17.09 0.02
CA VAL B 116 -25.06 16.23 -0.83
C VAL B 116 -25.91 15.05 -1.34
N CYS B 117 -25.95 14.90 -2.66
CA CYS B 117 -26.59 13.77 -3.31
C CYS B 117 -25.47 12.95 -3.90
N PHE B 118 -25.44 11.65 -3.61
CA PHE B 118 -24.31 10.88 -4.13
C PHE B 118 -24.77 9.49 -4.52
N ASP B 119 -23.97 8.89 -5.40
CA ASP B 119 -24.07 7.48 -5.72
C ASP B 119 -22.78 6.84 -5.23
N PRO B 120 -22.81 6.10 -4.11
CA PRO B 120 -21.55 5.74 -3.44
C PRO B 120 -20.65 4.81 -4.25
N LEU B 121 -21.23 3.86 -4.99
CA LEU B 121 -20.46 2.91 -5.82
C LEU B 121 -21.22 2.65 -7.12
N ASP B 122 -21.24 3.66 -7.99
CA ASP B 122 -21.93 3.57 -9.26
C ASP B 122 -21.33 2.50 -10.17
N GLY B 123 -22.20 1.72 -10.79
CA GLY B 123 -21.78 0.63 -11.64
C GLY B 123 -21.52 -0.66 -10.93
N SER B 124 -21.69 -0.70 -9.61
CA SER B 124 -21.35 -1.87 -8.82
C SER B 124 -22.19 -3.09 -9.16
N SER B 125 -23.28 -2.91 -9.90
CA SER B 125 -24.12 -4.04 -10.29
C SER B 125 -23.33 -5.09 -11.08
N ASN B 126 -22.37 -4.66 -11.89
CA ASN B 126 -21.53 -5.54 -12.69
C ASN B 126 -20.11 -5.64 -12.12
N ILE B 127 -19.94 -5.42 -10.82
CA ILE B 127 -18.61 -5.43 -10.23
C ILE B 127 -18.02 -6.83 -10.16
N ASP B 128 -18.81 -7.88 -10.44
CA ASP B 128 -18.30 -9.24 -10.49
C ASP B 128 -17.28 -9.46 -11.61
N CYS B 129 -17.32 -8.65 -12.67
CA CYS B 129 -16.36 -8.73 -13.77
C CYS B 129 -15.24 -7.71 -13.63
N LEU B 130 -15.12 -7.05 -12.49
CA LEU B 130 -14.05 -6.08 -12.22
C LEU B 130 -14.14 -4.87 -13.15
N VAL B 131 -15.35 -4.60 -13.67
CA VAL B 131 -15.55 -3.38 -14.45
C VAL B 131 -15.19 -2.15 -13.61
N SER B 132 -14.80 -1.08 -14.28
CA SER B 132 -14.56 0.18 -13.61
C SER B 132 -15.80 0.61 -12.81
N VAL B 133 -15.57 1.10 -11.60
CA VAL B 133 -16.65 1.65 -10.79
C VAL B 133 -16.24 3.03 -10.28
N GLY B 134 -17.20 3.72 -9.64
CA GLY B 134 -16.97 5.09 -9.22
C GLY B 134 -18.01 5.63 -8.25
N THR B 135 -17.70 6.81 -7.74
CA THR B 135 -18.55 7.56 -6.81
C THR B 135 -18.87 8.91 -7.42
N ILE B 136 -20.16 9.26 -7.47
CA ILE B 136 -20.63 10.53 -8.03
C ILE B 136 -21.25 11.37 -6.92
N PHE B 137 -20.97 12.65 -6.92
CA PHE B 137 -21.49 13.56 -5.90
C PHE B 137 -21.80 14.91 -6.53
N GLY B 138 -22.84 15.56 -5.97
CA GLY B 138 -23.22 16.92 -6.26
C GLY B 138 -23.62 17.64 -4.99
N ILE B 139 -23.19 18.91 -4.82
CA ILE B 139 -23.31 19.62 -3.56
C ILE B 139 -24.14 20.89 -3.75
N TYR B 140 -25.20 21.04 -2.95
CA TYR B 140 -26.04 22.24 -2.94
C TYR B 140 -25.93 22.90 -1.57
N ARG B 141 -26.10 24.23 -1.53
CA ARG B 141 -26.25 24.93 -0.26
C ARG B 141 -27.73 24.96 0.09
N LYS B 142 -28.06 24.65 1.36
CA LYS B 142 -29.44 24.78 1.81
C LYS B 142 -29.91 26.22 1.78
N LYS B 143 -31.07 26.44 1.16
CA LYS B 143 -31.52 27.77 0.87
C LYS B 143 -32.49 28.34 1.92
N SER B 144 -33.41 27.52 2.41
CA SER B 144 -34.50 27.98 3.28
C SER B 144 -34.12 27.99 4.75
N THR B 145 -34.94 28.66 5.54
CA THR B 145 -34.79 28.74 6.99
C THR B 145 -35.57 27.65 7.73
N ASP B 146 -36.31 26.82 7.01
CA ASP B 146 -37.06 25.71 7.59
C ASP B 146 -36.12 24.63 8.18
N GLU B 147 -36.70 23.79 9.01
CA GLU B 147 -36.00 22.59 9.43
C GLU B 147 -35.64 21.76 8.19
N PRO B 148 -34.44 21.19 8.11
CA PRO B 148 -34.05 20.44 6.91
C PRO B 148 -34.98 19.28 6.62
N SER B 149 -35.18 19.02 5.33
CA SER B 149 -36.05 17.93 4.92
C SER B 149 -35.66 17.53 3.51
N GLU B 150 -36.21 16.39 3.08
CA GLU B 150 -35.95 15.88 1.75
C GLU B 150 -36.16 16.94 0.66
N LYS B 151 -37.08 17.87 0.89
CA LYS B 151 -37.37 18.87 -0.11
C LYS B 151 -36.17 19.77 -0.40
N ASP B 152 -35.19 19.84 0.49
CA ASP B 152 -34.03 20.69 0.24
C ASP B 152 -33.13 20.13 -0.86
N ALA B 153 -33.28 18.85 -1.21
CA ALA B 153 -32.53 18.25 -2.31
C ALA B 153 -33.23 18.42 -3.66
N LEU B 154 -34.42 18.98 -3.68
CA LEU B 154 -35.18 19.15 -4.92
C LEU B 154 -34.85 20.50 -5.55
N GLN B 155 -33.56 20.69 -5.84
CA GLN B 155 -33.04 21.86 -6.53
C GLN B 155 -32.59 21.50 -7.96
N PRO B 156 -32.74 22.42 -8.92
CA PRO B 156 -32.18 22.18 -10.25
C PRO B 156 -30.67 22.24 -10.20
N GLY B 157 -30.05 21.54 -11.16
CA GLY B 157 -28.59 21.49 -11.22
C GLY B 157 -27.91 22.83 -11.33
N ARG B 158 -28.60 23.84 -11.87
CA ARG B 158 -28.03 25.18 -11.90
C ARG B 158 -27.58 25.61 -10.52
N ASN B 159 -28.23 25.10 -9.48
CA ASN B 159 -27.96 25.53 -8.11
C ASN B 159 -26.75 24.87 -7.50
N LEU B 160 -26.05 24.03 -8.26
CA LEU B 160 -24.93 23.29 -7.67
C LEU B 160 -23.80 24.23 -7.28
N VAL B 161 -23.26 23.97 -6.10
CA VAL B 161 -22.04 24.61 -5.66
C VAL B 161 -20.81 23.82 -6.13
N ALA B 162 -20.85 22.49 -6.09
CA ALA B 162 -19.72 21.67 -6.49
C ALA B 162 -20.23 20.31 -6.89
N ALA B 163 -19.51 19.68 -7.82
CA ALA B 163 -19.86 18.31 -8.21
C ALA B 163 -18.63 17.65 -8.82
N GLY B 164 -18.65 16.33 -8.83
CA GLY B 164 -17.58 15.60 -9.47
C GLY B 164 -17.72 14.10 -9.27
N TYR B 165 -16.63 13.39 -9.41
CA TYR B 165 -16.70 11.96 -9.28
C TYR B 165 -15.31 11.43 -8.99
N ALA B 166 -15.26 10.25 -8.38
CA ALA B 166 -14.05 9.48 -8.24
C ALA B 166 -14.17 8.26 -9.13
N LEU B 167 -13.16 8.01 -9.94
CA LEU B 167 -13.17 6.85 -10.82
C LEU B 167 -12.17 5.82 -10.32
N TYR B 168 -12.66 4.62 -10.01
CA TYR B 168 -11.79 3.50 -9.64
C TYR B 168 -11.58 2.67 -10.89
N GLY B 169 -10.70 3.15 -11.76
CA GLY B 169 -10.40 2.47 -12.99
C GLY B 169 -9.04 1.84 -12.90
N SER B 170 -8.21 1.95 -13.97
CA SER B 170 -6.84 1.45 -13.89
C SER B 170 -6.07 2.17 -12.80
N ALA B 171 -6.34 3.45 -12.58
CA ALA B 171 -5.96 4.13 -11.35
C ALA B 171 -7.19 4.83 -10.80
N THR B 172 -7.03 5.44 -9.64
CA THR B 172 -8.12 6.16 -9.01
C THR B 172 -7.95 7.64 -9.26
N MET B 173 -8.99 8.26 -9.81
CA MET B 173 -8.97 9.69 -10.08
C MET B 173 -10.23 10.37 -9.57
N LEU B 174 -10.03 11.55 -8.94
CA LEU B 174 -11.11 12.45 -8.55
C LEU B 174 -11.15 13.63 -9.52
N VAL B 175 -12.31 13.82 -10.16
CA VAL B 175 -12.56 14.99 -11.02
C VAL B 175 -13.52 15.92 -10.26
N LEU B 176 -13.10 17.16 -10.02
CA LEU B 176 -13.89 18.09 -9.20
C LEU B 176 -14.26 19.32 -10.03
N ALA B 177 -15.55 19.57 -10.16
CA ALA B 177 -16.03 20.73 -10.91
C ALA B 177 -16.56 21.74 -9.92
N MET B 178 -16.08 22.99 -10.04
CA MET B 178 -16.64 24.11 -9.29
C MET B 178 -16.75 25.28 -10.24
N ASP B 179 -17.21 26.42 -9.72
CA ASP B 179 -17.42 27.57 -10.58
C ASP B 179 -16.13 28.03 -11.24
N CYS B 180 -14.99 27.84 -10.57
CA CYS B 180 -13.69 28.15 -11.15
C CYS B 180 -13.30 27.17 -12.27
N GLY B 181 -14.07 26.10 -12.51
CA GLY B 181 -13.73 25.15 -13.54
C GLY B 181 -13.56 23.73 -13.00
N VAL B 182 -12.93 22.90 -13.83
CA VAL B 182 -12.76 21.47 -13.58
C VAL B 182 -11.28 21.19 -13.37
N ASN B 183 -10.95 20.43 -12.32
CA ASN B 183 -9.57 19.99 -12.08
C ASN B 183 -9.54 18.50 -11.74
N CYS B 184 -8.49 17.80 -12.19
CA CYS B 184 -8.37 16.34 -12.05
C CYS B 184 -7.20 15.96 -11.14
N PHE B 185 -7.47 15.07 -10.17
CA PHE B 185 -6.52 14.72 -9.12
C PHE B 185 -6.30 13.22 -9.09
N MET B 186 -5.05 12.80 -9.19
CA MET B 186 -4.72 11.37 -9.21
C MET B 186 -4.39 10.91 -7.81
N LEU B 187 -5.00 9.81 -7.39
CA LEU B 187 -4.69 9.25 -6.09
C LEU B 187 -3.36 8.51 -6.13
N ASP B 188 -2.38 9.01 -5.39
CA ASP B 188 -1.14 8.26 -5.19
C ASP B 188 -1.31 7.35 -3.98
N PRO B 189 -1.59 6.06 -4.18
CA PRO B 189 -1.82 5.18 -3.04
C PRO B 189 -0.57 4.88 -2.22
N ALA B 190 0.62 5.22 -2.71
CA ALA B 190 1.79 5.05 -1.85
C ALA B 190 1.77 6.03 -0.68
N ILE B 191 1.10 7.19 -0.82
CA ILE B 191 1.05 8.19 0.24
C ILE B 191 -0.36 8.63 0.56
N GLY B 192 -1.38 8.03 -0.04
CA GLY B 192 -2.77 8.36 0.22
C GLY B 192 -3.04 9.84 0.08
N GLU B 193 -2.67 10.38 -1.10
CA GLU B 193 -2.83 11.79 -1.41
C GLU B 193 -3.35 11.94 -2.84
N PHE B 194 -4.30 12.85 -3.04
CA PHE B 194 -4.79 13.18 -4.38
C PHE B 194 -3.87 14.27 -4.96
N ILE B 195 -3.15 13.93 -6.01
CA ILE B 195 -2.19 14.83 -6.65
C ILE B 195 -2.89 15.51 -7.82
N LEU B 196 -2.79 16.84 -7.89
CA LEU B 196 -3.34 17.59 -9.02
C LEU B 196 -2.54 17.31 -10.28
N VAL B 197 -3.20 16.77 -11.31
CA VAL B 197 -2.48 16.38 -12.52
C VAL B 197 -3.02 17.03 -13.79
N ASP B 198 -4.25 17.55 -13.80
CA ASP B 198 -4.82 18.22 -14.97
C ASP B 198 -5.60 19.44 -14.47
N LYS B 199 -5.10 20.64 -14.78
CA LYS B 199 -5.71 21.89 -14.31
C LYS B 199 -6.65 22.48 -15.35
N ASP B 200 -7.74 23.06 -14.88
CA ASP B 200 -8.66 23.85 -15.70
C ASP B 200 -8.97 23.14 -17.02
N VAL B 201 -9.60 21.99 -16.88
CA VAL B 201 -9.76 21.05 -17.96
C VAL B 201 -10.90 21.49 -18.86
N LYS B 202 -10.68 21.40 -20.17
CA LYS B 202 -11.69 21.72 -21.18
C LYS B 202 -11.85 20.55 -22.14
N ILE B 203 -13.08 20.17 -22.43
CA ILE B 203 -13.36 19.05 -23.32
C ILE B 203 -13.16 19.50 -24.78
N LYS B 204 -12.78 18.56 -25.64
CA LYS B 204 -12.67 18.83 -27.08
C LYS B 204 -13.98 19.41 -27.61
N LYS B 205 -13.88 20.30 -28.61
CA LYS B 205 -15.09 20.84 -29.22
C LYS B 205 -15.92 19.75 -29.90
N LYS B 206 -15.26 18.78 -30.52
CA LYS B 206 -15.86 17.65 -31.22
C LYS B 206 -14.95 16.43 -31.07
N GLY B 207 -15.54 15.25 -30.90
CA GLY B 207 -14.81 14.01 -30.72
C GLY B 207 -15.04 13.01 -31.84
N LYS B 208 -14.58 11.76 -31.65
CA LYS B 208 -14.66 10.70 -32.64
C LYS B 208 -15.22 9.40 -32.05
N ILE B 209 -15.87 9.47 -30.90
CA ILE B 209 -16.38 8.29 -30.20
C ILE B 209 -17.80 8.58 -29.75
N TYR B 210 -18.71 7.62 -29.97
CA TYR B 210 -20.06 7.65 -29.43
C TYR B 210 -20.28 6.45 -28.52
N SER B 211 -21.15 6.62 -27.52
CA SER B 211 -21.24 5.69 -26.40
C SER B 211 -22.68 5.52 -25.96
N LEU B 212 -23.24 4.32 -26.16
CA LEU B 212 -24.57 3.96 -25.65
C LEU B 212 -24.75 2.46 -25.80
N ASN B 213 -25.79 1.94 -25.13
CA ASN B 213 -26.16 0.53 -25.23
C ASN B 213 -26.98 0.34 -26.51
N GLU B 214 -26.35 -0.21 -27.56
CA GLU B 214 -27.05 -0.50 -28.81
C GLU B 214 -27.89 -1.76 -28.74
N GLY B 215 -27.84 -2.51 -27.64
CA GLY B 215 -28.79 -3.60 -27.48
C GLY B 215 -30.23 -3.15 -27.58
N TYR B 216 -30.52 -1.88 -27.23
CA TYR B 216 -31.87 -1.33 -27.25
C TYR B 216 -32.23 -0.70 -28.59
N ALA B 217 -31.61 -1.14 -29.68
CA ALA B 217 -31.87 -0.52 -30.98
C ALA B 217 -33.35 -0.58 -31.34
N LYS B 218 -34.03 -1.66 -30.91
CA LYS B 218 -35.44 -1.86 -31.22
C LYS B 218 -36.33 -0.83 -30.55
N ASP B 219 -35.88 -0.23 -29.45
CA ASP B 219 -36.71 0.68 -28.67
C ASP B 219 -36.35 2.13 -28.89
N PHE B 220 -35.34 2.40 -29.70
CA PHE B 220 -34.84 3.77 -29.87
C PHE B 220 -35.90 4.71 -30.40
N ASP B 221 -35.87 5.95 -29.90
CA ASP B 221 -36.55 7.02 -30.58
C ASP B 221 -35.95 7.20 -31.99
N PRO B 222 -36.75 7.64 -32.96
CA PRO B 222 -36.20 7.83 -34.30
C PRO B 222 -35.05 8.83 -34.35
N ALA B 223 -35.04 9.83 -33.47
CA ALA B 223 -33.93 10.78 -33.45
C ALA B 223 -32.62 10.09 -33.07
N VAL B 224 -32.67 9.21 -32.07
CA VAL B 224 -31.47 8.45 -31.70
C VAL B 224 -31.03 7.56 -32.85
N THR B 225 -31.96 6.86 -33.47
CA THR B 225 -31.60 5.93 -34.55
C THR B 225 -30.90 6.66 -35.70
N GLU B 226 -31.42 7.82 -36.09
CA GLU B 226 -30.81 8.62 -37.16
C GLU B 226 -29.43 9.10 -36.74
N TYR B 227 -29.34 9.64 -35.52
CA TYR B 227 -28.04 10.13 -35.05
C TYR B 227 -27.00 9.02 -35.08
N ILE B 228 -27.37 7.81 -34.63
CA ILE B 228 -26.43 6.69 -34.65
C ILE B 228 -26.03 6.35 -36.09
N GLN B 229 -26.99 6.42 -37.02
CA GLN B 229 -26.67 6.14 -38.42
C GLN B 229 -25.67 7.13 -39.00
N ARG B 230 -25.74 8.39 -38.57
CA ARG B 230 -24.76 9.39 -39.03
C ARG B 230 -23.35 9.07 -38.54
N LYS B 231 -23.22 8.45 -37.36
CA LYS B 231 -21.91 8.11 -36.80
C LYS B 231 -21.27 6.94 -37.54
N LYS B 232 -22.09 5.99 -38.02
CA LYS B 232 -21.57 4.85 -38.75
C LYS B 232 -21.38 5.15 -40.24
N PHE B 233 -22.24 6.01 -40.82
CA PHE B 233 -22.21 6.36 -42.25
C PHE B 233 -22.21 7.88 -42.41
N PRO B 234 -21.07 8.53 -42.20
CA PRO B 234 -21.04 10.00 -42.12
C PRO B 234 -21.47 10.69 -43.40
N PRO B 235 -22.44 11.60 -43.31
CA PRO B 235 -22.94 12.27 -44.51
C PRO B 235 -22.01 13.31 -45.10
N ASP B 236 -20.99 13.76 -44.39
CA ASP B 236 -20.06 14.71 -44.97
C ASP B 236 -18.75 14.06 -45.44
N ASN B 237 -18.74 12.75 -45.66
CA ASN B 237 -17.56 12.01 -46.08
C ASN B 237 -16.49 11.88 -45.00
N SER B 238 -16.76 12.26 -43.76
CA SER B 238 -15.75 12.06 -42.75
C SER B 238 -15.70 10.57 -42.36
N ALA B 239 -14.70 10.21 -41.47
CA ALA B 239 -14.51 8.82 -41.03
C ALA B 239 -15.56 8.43 -40.00
N PRO B 240 -16.04 7.18 -40.03
CA PRO B 240 -17.02 6.76 -39.01
C PRO B 240 -16.43 6.90 -37.62
N TYR B 241 -17.31 7.17 -36.65
CA TYR B 241 -16.88 7.20 -35.26
C TYR B 241 -16.62 5.79 -34.75
N GLY B 242 -15.76 5.69 -33.74
CA GLY B 242 -15.68 4.47 -32.97
C GLY B 242 -16.76 4.42 -31.92
N ALA B 243 -17.07 3.19 -31.50
CA ALA B 243 -18.06 2.92 -30.46
C ALA B 243 -17.34 2.38 -29.23
N ARG B 244 -17.74 2.86 -28.06
CA ARG B 244 -17.21 2.42 -26.77
C ARG B 244 -18.34 2.45 -25.78
N TYR B 245 -18.53 1.40 -24.99
CA TYR B 245 -19.56 1.45 -23.96
C TYR B 245 -19.16 0.49 -22.84
N VAL B 246 -18.61 1.06 -21.76
CA VAL B 246 -18.19 0.24 -20.64
C VAL B 246 -19.40 -0.33 -19.94
N GLY B 247 -20.49 0.41 -19.90
CA GLY B 247 -21.62 0.03 -19.09
C GLY B 247 -21.55 0.54 -17.67
N SER B 248 -20.54 1.31 -17.33
CA SER B 248 -20.45 1.97 -16.03
C SER B 248 -20.33 3.47 -16.31
N MET B 249 -21.28 4.24 -15.77
CA MET B 249 -21.45 5.63 -16.19
C MET B 249 -20.19 6.46 -15.98
N VAL B 250 -19.55 6.30 -14.82
CA VAL B 250 -18.37 7.10 -14.50
C VAL B 250 -17.25 6.80 -15.50
N ALA B 251 -17.07 5.53 -15.86
CA ALA B 251 -16.03 5.22 -16.84
C ALA B 251 -16.36 5.84 -18.20
N ASP B 252 -17.61 5.72 -18.64
CA ASP B 252 -17.97 6.22 -19.96
C ASP B 252 -17.88 7.74 -20.01
N VAL B 253 -18.32 8.42 -18.94
CA VAL B 253 -18.28 9.89 -18.89
C VAL B 253 -16.84 10.40 -18.84
N HIS B 254 -15.97 9.73 -18.08
CA HIS B 254 -14.59 10.19 -17.97
C HIS B 254 -13.84 10.04 -19.29
N ARG B 255 -14.03 8.90 -19.98
CA ARG B 255 -13.47 8.79 -21.33
C ARG B 255 -13.98 9.92 -22.21
N THR B 256 -15.28 10.25 -22.09
CA THR B 256 -15.88 11.33 -22.87
C THR B 256 -15.20 12.66 -22.56
N LEU B 257 -14.92 12.92 -21.28
CA LEU B 257 -14.17 14.12 -20.88
C LEU B 257 -12.76 14.12 -21.44
N VAL B 258 -12.09 12.97 -21.43
CA VAL B 258 -10.66 12.93 -21.77
C VAL B 258 -10.45 12.96 -23.28
N TYR B 259 -11.18 12.15 -24.03
CA TYR B 259 -10.91 12.02 -25.44
C TYR B 259 -11.91 12.76 -26.31
N GLY B 260 -12.94 13.37 -25.72
CA GLY B 260 -14.03 13.96 -26.48
C GLY B 260 -15.03 12.93 -26.96
N GLY B 261 -16.08 13.43 -27.59
CA GLY B 261 -17.13 12.57 -28.08
C GLY B 261 -18.44 12.77 -27.34
N ILE B 262 -19.29 11.75 -27.31
CA ILE B 262 -20.67 11.89 -26.84
C ILE B 262 -21.13 10.61 -26.14
N PHE B 263 -21.88 10.80 -25.06
CA PHE B 263 -22.45 9.72 -24.26
C PHE B 263 -23.96 9.88 -24.22
N LEU B 264 -24.68 8.78 -24.43
CA LEU B 264 -26.15 8.79 -24.47
C LEU B 264 -26.73 7.71 -23.57
N TYR B 265 -27.69 8.10 -22.75
CA TYR B 265 -28.65 7.13 -22.19
C TYR B 265 -30.04 7.69 -22.41
N PRO B 266 -30.58 7.51 -23.62
CA PRO B 266 -31.89 8.07 -23.98
C PRO B 266 -33.00 7.16 -23.47
N ALA B 267 -34.24 7.55 -23.71
CA ALA B 267 -35.39 6.75 -23.29
C ALA B 267 -35.62 5.52 -24.18
N ASN B 268 -36.09 4.43 -23.56
CA ASN B 268 -36.45 3.19 -24.25
C ASN B 268 -37.74 2.65 -23.65
N LYS B 269 -38.09 1.40 -24.04
CA LYS B 269 -39.34 0.79 -23.58
C LYS B 269 -39.29 0.46 -22.10
N LYS B 270 -38.16 -0.10 -21.62
CA LYS B 270 -38.02 -0.38 -20.19
C LYS B 270 -37.83 0.89 -19.37
N SER B 271 -37.37 1.96 -20.01
CA SER B 271 -37.11 3.23 -19.32
C SER B 271 -37.63 4.39 -20.16
N PRO B 272 -38.94 4.65 -20.14
CA PRO B 272 -39.47 5.79 -20.91
C PRO B 272 -38.99 7.16 -20.44
N ASN B 273 -38.45 7.29 -19.23
CA ASN B 273 -37.83 8.53 -18.76
C ASN B 273 -36.32 8.39 -18.64
N GLY B 274 -35.75 7.47 -19.41
CA GLY B 274 -34.36 7.12 -19.29
C GLY B 274 -34.19 6.27 -18.05
N LYS B 275 -32.96 5.84 -17.84
CA LYS B 275 -32.62 4.98 -16.71
C LYS B 275 -31.80 5.66 -15.64
N LEU B 276 -30.91 6.57 -16.01
CA LEU B 276 -30.06 7.22 -15.04
C LEU B 276 -30.84 8.20 -14.16
N ARG B 277 -30.34 8.38 -12.94
CA ARG B 277 -31.01 9.18 -11.92
C ARG B 277 -30.57 10.63 -11.99
N LEU B 278 -31.54 11.52 -11.88
CA LEU B 278 -31.28 12.94 -12.13
C LEU B 278 -30.37 13.53 -11.05
N LEU B 279 -30.66 13.24 -9.79
CA LEU B 279 -30.04 13.98 -8.70
C LEU B 279 -28.56 13.63 -8.52
N TYR B 280 -28.19 12.35 -8.64
CA TYR B 280 -26.84 11.93 -8.29
C TYR B 280 -26.15 11.15 -9.41
N GLU B 281 -26.70 11.19 -10.62
CA GLU B 281 -25.99 10.67 -11.78
C GLU B 281 -25.97 11.75 -12.85
N CYS B 282 -27.14 12.28 -13.25
CA CYS B 282 -27.18 13.18 -14.39
C CYS B 282 -26.65 14.57 -14.04
N ASN B 283 -27.13 15.14 -12.94
CA ASN B 283 -26.74 16.50 -12.60
C ASN B 283 -25.25 16.69 -12.35
N PRO B 284 -24.57 15.87 -11.53
CA PRO B 284 -23.12 16.07 -11.37
C PRO B 284 -22.33 15.94 -12.67
N MET B 285 -22.66 14.95 -13.50
CA MET B 285 -21.93 14.79 -14.76
C MET B 285 -22.26 15.93 -15.71
N ALA B 286 -23.52 16.37 -15.73
CA ALA B 286 -23.85 17.53 -16.54
C ALA B 286 -23.09 18.75 -16.05
N TYR B 287 -23.01 18.91 -14.73
CA TYR B 287 -22.29 20.05 -14.19
C TYR B 287 -20.81 19.99 -14.59
N VAL B 288 -20.20 18.80 -14.52
CA VAL B 288 -18.79 18.68 -14.91
C VAL B 288 -18.63 19.03 -16.38
N MET B 289 -19.52 18.50 -17.24
CA MET B 289 -19.45 18.79 -18.67
C MET B 289 -19.51 20.30 -18.93
N GLU B 290 -20.51 20.98 -18.36
CA GLU B 290 -20.65 22.39 -18.67
C GLU B 290 -19.46 23.20 -18.14
N LYS B 291 -18.94 22.86 -16.96
CA LYS B 291 -17.76 23.59 -16.47
C LYS B 291 -16.53 23.32 -17.31
N ALA B 292 -16.51 22.21 -18.05
CA ALA B 292 -15.44 21.86 -18.97
C ALA B 292 -15.69 22.33 -20.39
N GLY B 293 -16.68 23.21 -20.60
CA GLY B 293 -17.01 23.65 -21.94
C GLY B 293 -17.81 22.65 -22.77
N GLY B 294 -18.37 21.62 -22.13
CA GLY B 294 -19.23 20.66 -22.80
C GLY B 294 -20.70 20.97 -22.59
N MET B 295 -21.55 20.04 -23.03
CA MET B 295 -23.00 20.20 -22.92
C MET B 295 -23.64 18.92 -22.40
N ALA B 296 -24.85 19.06 -21.88
CA ALA B 296 -25.59 17.93 -21.34
C ALA B 296 -27.08 18.25 -21.42
N THR B 297 -27.80 17.46 -22.21
CA THR B 297 -29.21 17.69 -22.52
C THR B 297 -30.02 16.43 -22.27
N THR B 298 -31.29 16.63 -21.96
CA THR B 298 -32.29 15.57 -21.94
C THR B 298 -32.88 15.36 -23.33
N GLY B 299 -32.56 16.24 -24.27
CA GLY B 299 -33.26 16.31 -25.52
C GLY B 299 -34.18 17.51 -25.59
N LYS B 300 -34.94 17.76 -24.54
CA LYS B 300 -35.86 18.89 -24.51
C LYS B 300 -35.28 20.09 -23.79
N GLU B 301 -34.29 19.90 -22.93
CA GLU B 301 -33.71 21.01 -22.18
C GLU B 301 -32.38 20.57 -21.61
N ALA B 302 -31.65 21.55 -21.08
CA ALA B 302 -30.43 21.23 -20.37
C ALA B 302 -30.78 20.45 -19.11
N VAL B 303 -29.95 19.44 -18.81
CA VAL B 303 -30.12 18.64 -17.60
C VAL B 303 -30.15 19.54 -16.37
N LEU B 304 -29.22 20.50 -16.28
CA LEU B 304 -29.16 21.35 -15.09
C LEU B 304 -30.41 22.23 -14.90
N ASP B 305 -31.27 22.38 -15.92
CA ASP B 305 -32.48 23.18 -15.78
C ASP B 305 -33.69 22.35 -15.35
N VAL B 306 -33.57 21.02 -15.32
CA VAL B 306 -34.69 20.19 -14.91
C VAL B 306 -34.96 20.42 -13.43
N ILE B 307 -36.20 20.75 -13.09
CA ILE B 307 -36.58 20.98 -11.71
C ILE B 307 -37.14 19.67 -11.14
N PRO B 308 -36.42 19.01 -10.24
CA PRO B 308 -36.85 17.69 -9.77
C PRO B 308 -38.03 17.77 -8.81
N THR B 309 -38.85 16.70 -8.84
CA THR B 309 -39.95 16.51 -7.90
C THR B 309 -39.83 15.22 -7.08
N ASP B 310 -38.87 14.34 -7.39
CA ASP B 310 -38.66 13.10 -6.66
C ASP B 310 -37.16 12.86 -6.62
N ILE B 311 -36.63 12.58 -5.43
CA ILE B 311 -35.17 12.49 -5.30
C ILE B 311 -34.60 11.33 -6.11
N HIS B 312 -35.40 10.32 -6.43
CA HIS B 312 -34.94 9.18 -7.23
C HIS B 312 -35.46 9.21 -8.66
N GLN B 313 -35.93 10.35 -9.13
CA GLN B 313 -36.49 10.39 -10.46
C GLN B 313 -35.39 10.22 -11.50
N ARG B 314 -35.78 9.68 -12.65
CA ARG B 314 -34.88 9.39 -13.77
C ARG B 314 -34.93 10.49 -14.83
N ALA B 315 -33.91 10.51 -15.69
CA ALA B 315 -33.81 11.48 -16.75
C ALA B 315 -33.00 10.92 -17.91
N PRO B 316 -33.43 11.15 -19.16
CA PRO B 316 -32.58 10.82 -20.31
C PRO B 316 -31.40 11.77 -20.33
N VAL B 317 -30.27 11.30 -20.87
CA VAL B 317 -29.06 12.11 -20.85
C VAL B 317 -28.26 11.88 -22.13
N ILE B 318 -27.84 12.99 -22.75
CA ILE B 318 -26.92 13.00 -23.88
C ILE B 318 -25.90 14.10 -23.59
N LEU B 319 -24.62 13.73 -23.47
CA LEU B 319 -23.65 14.74 -23.07
C LEU B 319 -22.33 14.54 -23.80
N GLY B 320 -21.47 15.56 -23.69
CA GLY B 320 -20.14 15.46 -24.25
C GLY B 320 -19.68 16.72 -24.95
N SER B 321 -18.82 16.53 -25.96
CA SER B 321 -18.28 17.63 -26.76
C SER B 321 -19.39 18.48 -27.36
N PRO B 322 -19.24 19.81 -27.35
CA PRO B 322 -20.36 20.66 -27.78
C PRO B 322 -20.81 20.42 -29.20
N ASP B 323 -19.88 20.25 -30.15
CA ASP B 323 -20.31 19.99 -31.53
C ASP B 323 -21.07 18.68 -31.64
N ASP B 324 -20.67 17.65 -30.89
CA ASP B 324 -21.36 16.38 -30.95
C ASP B 324 -22.76 16.46 -30.36
N VAL B 325 -22.91 17.09 -29.19
CA VAL B 325 -24.26 17.26 -28.61
C VAL B 325 -25.15 18.11 -29.52
N LEU B 326 -24.61 19.21 -30.04
CA LEU B 326 -25.39 20.09 -30.91
C LEU B 326 -25.87 19.35 -32.16
N GLU B 327 -25.02 18.47 -32.70
CA GLU B 327 -25.44 17.65 -33.83
C GLU B 327 -26.59 16.74 -33.45
N PHE B 328 -26.53 16.12 -32.27
CA PHE B 328 -27.66 15.32 -31.82
C PHE B 328 -28.93 16.18 -31.71
N LEU B 329 -28.79 17.40 -31.20
CA LEU B 329 -29.95 18.27 -30.98
C LEU B 329 -30.53 18.73 -32.31
N LYS B 330 -29.69 18.91 -33.33
CA LYS B 330 -30.23 19.18 -34.66
C LYS B 330 -31.08 18.01 -35.14
N VAL B 331 -30.55 16.79 -35.04
CA VAL B 331 -31.32 15.61 -35.42
C VAL B 331 -32.58 15.52 -34.57
N TYR B 332 -32.46 15.76 -33.27
CA TYR B 332 -33.65 15.68 -32.41
C TYR B 332 -34.68 16.72 -32.82
N GLU B 333 -34.27 17.96 -33.10
CA GLU B 333 -35.21 19.00 -33.47
C GLU B 333 -35.95 18.64 -34.76
N LYS B 334 -35.26 17.98 -35.70
CA LYS B 334 -35.89 17.57 -36.95
C LYS B 334 -37.07 16.64 -36.70
N HIS B 335 -37.02 15.82 -35.66
CA HIS B 335 -38.11 14.90 -35.33
C HIS B 335 -39.12 15.51 -34.35
N SER B 336 -39.22 16.83 -34.31
CA SER B 336 -40.02 17.58 -33.34
C SER B 336 -39.33 17.46 -31.99
N ASP C 10 21.74 -9.08 -10.89
CA ASP C 10 20.47 -9.72 -11.24
C ASP C 10 19.52 -9.87 -10.04
N VAL C 11 18.31 -9.34 -10.18
CA VAL C 11 17.39 -9.29 -9.05
C VAL C 11 17.02 -10.70 -8.57
N ASN C 12 16.70 -10.82 -7.28
CA ASN C 12 16.24 -12.08 -6.73
C ASN C 12 15.26 -11.86 -5.60
N THR C 13 14.26 -12.73 -5.50
CA THR C 13 13.28 -12.68 -4.43
C THR C 13 13.46 -13.88 -3.53
N LEU C 14 12.79 -13.83 -2.38
CA LEU C 14 12.92 -14.90 -1.40
C LEU C 14 12.41 -16.22 -1.97
N THR C 15 11.22 -16.20 -2.57
CA THR C 15 10.62 -17.42 -3.11
C THR C 15 11.50 -17.98 -4.22
N ARG C 16 11.97 -17.13 -5.12
CA ARG C 16 12.85 -17.58 -6.19
C ARG C 16 14.17 -18.11 -5.65
N PHE C 17 14.76 -17.40 -4.68
CA PHE C 17 16.01 -17.87 -4.08
C PHE C 17 15.86 -19.25 -3.43
N VAL C 18 14.74 -19.48 -2.72
CA VAL C 18 14.58 -20.74 -2.02
C VAL C 18 14.32 -21.88 -3.00
N MET C 19 13.52 -21.65 -4.03
CA MET C 19 13.27 -22.69 -5.03
C MET C 19 14.55 -23.10 -5.75
N GLU C 20 15.37 -22.12 -6.14
CA GLU C 20 16.57 -22.45 -6.90
C GLU C 20 17.51 -23.31 -6.07
N GLU C 21 17.66 -22.99 -4.79
CA GLU C 21 18.43 -23.83 -3.88
C GLU C 21 17.74 -25.18 -3.67
N GLY C 22 16.41 -25.19 -3.61
CA GLY C 22 15.69 -26.43 -3.45
C GLY C 22 15.85 -27.36 -4.65
N ARG C 23 15.89 -26.80 -5.85
CA ARG C 23 16.09 -27.64 -7.02
C ARG C 23 17.49 -28.23 -7.03
N LYS C 24 18.50 -27.40 -6.76
CA LYS C 24 19.85 -27.89 -6.63
C LYS C 24 19.92 -29.03 -5.63
N ALA C 25 19.22 -28.90 -4.51
CA ALA C 25 19.31 -29.93 -3.49
C ALA C 25 18.47 -31.15 -3.82
N ARG C 26 17.57 -31.04 -4.80
CA ARG C 26 16.74 -32.14 -5.27
C ARG C 26 15.91 -32.74 -4.13
N GLY C 27 15.43 -31.86 -3.25
CA GLY C 27 14.49 -32.25 -2.21
C GLY C 27 13.06 -32.30 -2.75
N THR C 28 12.14 -32.76 -1.91
CA THR C 28 10.78 -32.97 -2.36
C THR C 28 9.99 -31.70 -2.59
N GLY C 29 10.44 -30.57 -2.06
CA GLY C 29 9.70 -29.34 -2.12
C GLY C 29 8.99 -28.98 -0.84
N GLU C 30 8.97 -29.88 0.16
CA GLU C 30 8.18 -29.65 1.36
C GLU C 30 8.67 -28.42 2.14
N LEU C 31 9.99 -28.27 2.31
CA LEU C 31 10.51 -27.12 3.03
C LEU C 31 10.23 -25.82 2.27
N THR C 32 10.36 -25.85 0.95
CA THR C 32 10.05 -24.69 0.16
C THR C 32 8.59 -24.28 0.36
N GLN C 33 7.70 -25.26 0.46
CA GLN C 33 6.29 -25.00 0.72
C GLN C 33 6.05 -24.39 2.10
N LEU C 34 6.72 -24.95 3.13
CA LEU C 34 6.71 -24.36 4.46
C LEU C 34 7.12 -22.87 4.42
N LEU C 35 8.33 -22.61 3.90
CA LEU C 35 8.90 -21.26 3.95
C LEU C 35 8.04 -20.26 3.17
N ASN C 36 7.48 -20.67 2.02
CA ASN C 36 6.60 -19.77 1.27
C ASN C 36 5.37 -19.40 2.08
N SER C 37 4.77 -20.39 2.74
CA SER C 37 3.61 -20.15 3.58
C SER C 37 3.95 -19.23 4.74
N LEU C 38 5.10 -19.45 5.39
CA LEU C 38 5.54 -18.58 6.46
C LEU C 38 5.68 -17.14 6.00
N CYS C 39 6.31 -16.93 4.83
N CYS C 39 6.32 -16.91 4.84
CA CYS C 39 6.55 -15.60 4.31
CA CYS C 39 6.52 -15.55 4.38
C CYS C 39 5.23 -14.87 4.01
C CYS C 39 5.18 -14.87 4.11
N THR C 40 4.20 -15.62 3.62
CA THR C 40 2.88 -15.04 3.44
C THR C 40 2.31 -14.56 4.77
N ALA C 41 2.39 -15.37 5.83
CA ALA C 41 1.93 -14.89 7.14
C ALA C 41 2.73 -13.66 7.59
N VAL C 42 4.04 -13.63 7.32
CA VAL C 42 4.86 -12.50 7.74
C VAL C 42 4.40 -11.21 7.07
N LYS C 43 4.10 -11.27 5.76
CA LYS C 43 3.57 -10.08 5.08
C LYS C 43 2.23 -9.64 5.67
N ALA C 44 1.42 -10.60 6.13
CA ALA C 44 0.14 -10.25 6.74
C ALA C 44 0.36 -9.61 8.10
N ILE C 45 1.34 -10.12 8.84
CA ILE C 45 1.68 -9.52 10.13
C ILE C 45 2.20 -8.11 9.91
N SER C 46 3.13 -7.94 8.95
CA SER C 46 3.68 -6.62 8.65
C SER C 46 2.57 -5.61 8.37
N SER C 47 1.62 -5.98 7.52
CA SER C 47 0.51 -5.08 7.19
C SER C 47 -0.28 -4.71 8.43
N ALA C 48 -0.54 -5.69 9.31
CA ALA C 48 -1.27 -5.41 10.54
C ALA C 48 -0.45 -4.56 11.50
N VAL C 49 0.86 -4.84 11.60
CA VAL C 49 1.71 -4.12 12.55
C VAL C 49 1.83 -2.66 12.15
N ARG C 50 1.89 -2.39 10.84
CA ARG C 50 1.90 -1.02 10.36
C ARG C 50 0.52 -0.38 10.37
N LYS C 51 -0.51 -1.07 10.88
CA LYS C 51 -1.82 -0.48 11.16
C LYS C 51 -2.61 -0.11 9.89
N ALA C 52 -2.39 -0.83 8.79
CA ALA C 52 -3.30 -0.70 7.65
C ALA C 52 -4.71 -1.09 8.07
N GLY C 53 -5.67 -0.22 7.80
CA GLY C 53 -7.05 -0.47 8.14
C GLY C 53 -7.46 -0.06 9.54
N ILE C 54 -6.54 0.54 10.31
CA ILE C 54 -6.90 0.94 11.66
C ILE C 54 -8.05 1.91 11.64
N ALA C 55 -8.16 2.72 10.58
CA ALA C 55 -9.25 3.68 10.47
C ALA C 55 -10.60 3.01 10.65
N HIS C 56 -10.74 1.77 10.19
CA HIS C 56 -12.02 1.08 10.36
C HIS C 56 -12.29 0.77 11.83
N LEU C 57 -11.24 0.41 12.59
CA LEU C 57 -11.38 0.15 14.02
C LEU C 57 -11.78 1.40 14.79
N TYR C 58 -11.51 2.59 14.26
CA TYR C 58 -11.87 3.83 14.93
C TYR C 58 -13.11 4.47 14.33
N GLY C 59 -13.87 3.72 13.52
CA GLY C 59 -15.20 4.12 13.13
C GLY C 59 -15.34 4.88 11.84
N ILE C 60 -14.42 4.71 10.90
CA ILE C 60 -14.49 5.47 9.64
C ILE C 60 -15.79 5.17 8.91
N ALA C 61 -16.35 3.97 9.09
CA ALA C 61 -17.60 3.59 8.45
C ALA C 61 -18.79 3.63 9.39
N GLY C 62 -18.64 4.27 10.56
CA GLY C 62 -19.68 4.39 11.57
C GLY C 62 -19.58 3.46 12.78
N LYS C 72 -8.99 -8.50 17.10
CA LYS C 72 -7.90 -9.20 17.79
C LYS C 72 -6.76 -8.26 18.17
N LYS C 73 -6.22 -8.46 19.37
CA LYS C 73 -4.89 -7.93 19.70
C LYS C 73 -3.90 -8.41 18.66
N LEU C 74 -2.81 -7.67 18.51
CA LEU C 74 -1.89 -7.91 17.42
C LEU C 74 -1.15 -9.23 17.58
N ASP C 75 -0.75 -9.56 18.82
CA ASP C 75 -0.04 -10.81 19.05
C ASP C 75 -0.95 -12.02 18.84
N VAL C 76 -2.24 -11.90 19.16
CA VAL C 76 -3.17 -12.99 18.89
C VAL C 76 -3.40 -13.16 17.39
N LEU C 77 -3.62 -12.05 16.68
CA LEU C 77 -3.80 -12.10 15.23
C LEU C 77 -2.59 -12.70 14.54
N SER C 78 -1.39 -12.27 14.95
CA SER C 78 -0.16 -12.79 14.37
C SER C 78 -0.05 -14.30 14.58
N ASN C 79 -0.36 -14.74 15.79
CA ASN C 79 -0.32 -16.17 16.07
C ASN C 79 -1.31 -16.91 15.18
N ASP C 80 -2.49 -16.33 14.97
CA ASP C 80 -3.47 -16.96 14.08
C ASP C 80 -2.94 -17.05 12.65
N LEU C 81 -2.22 -16.02 12.20
CA LEU C 81 -1.71 -16.00 10.83
C LEU C 81 -0.64 -17.07 10.62
N VAL C 82 0.32 -17.17 11.54
CA VAL C 82 1.35 -18.21 11.45
C VAL C 82 0.72 -19.61 11.56
N MET C 83 -0.09 -19.84 12.61
CA MET C 83 -0.70 -21.14 12.81
C MET C 83 -1.46 -21.60 11.58
N ASN C 84 -2.31 -20.71 11.02
CA ASN C 84 -3.16 -21.16 9.94
C ASN C 84 -2.37 -21.35 8.64
N MET C 85 -1.38 -20.49 8.38
CA MET C 85 -0.56 -20.67 7.19
C MET C 85 0.32 -21.90 7.28
N LEU C 86 0.87 -22.21 8.47
CA LEU C 86 1.72 -23.39 8.57
C LEU C 86 0.88 -24.68 8.50
N LYS C 87 -0.25 -24.73 9.21
CA LYS C 87 -1.14 -25.89 9.13
C LYS C 87 -1.51 -26.20 7.68
N SER C 88 -1.93 -25.20 6.93
CA SER C 88 -2.40 -25.36 5.57
C SER C 88 -1.29 -25.56 4.56
N SER C 89 -0.03 -25.54 5.00
CA SER C 89 1.13 -25.79 4.15
C SER C 89 1.34 -27.27 3.83
N PHE C 90 0.64 -28.16 4.52
CA PHE C 90 0.83 -29.62 4.41
C PHE C 90 2.29 -30.01 4.68
N ALA C 91 3.02 -29.18 5.42
CA ALA C 91 4.43 -29.45 5.68
C ALA C 91 4.78 -29.63 7.16
N THR C 92 3.84 -29.41 8.07
CA THR C 92 4.16 -29.41 9.49
C THR C 92 3.33 -30.46 10.21
N CYS C 93 3.80 -30.85 11.39
CA CYS C 93 3.07 -31.80 12.22
C CYS C 93 2.96 -31.32 13.67
N VAL C 94 3.95 -30.55 14.13
CA VAL C 94 3.95 -30.02 15.50
C VAL C 94 4.35 -28.55 15.44
N LEU C 95 3.55 -27.70 16.05
CA LEU C 95 3.78 -26.25 16.04
C LEU C 95 3.87 -25.79 17.49
N VAL C 96 4.96 -25.11 17.84
CA VAL C 96 5.11 -24.55 19.19
C VAL C 96 5.20 -23.04 19.08
N SER C 97 4.36 -22.35 19.86
CA SER C 97 4.25 -20.91 19.81
C SER C 97 4.32 -20.30 21.20
N GLU C 98 4.91 -19.10 21.26
CA GLU C 98 4.92 -18.32 22.50
C GLU C 98 3.51 -18.06 23.01
N GLU C 99 2.51 -18.05 22.13
CA GLU C 99 1.14 -17.71 22.51
C GLU C 99 0.33 -18.86 23.10
N ASP C 100 0.76 -20.12 22.92
CA ASP C 100 -0.06 -21.27 23.28
C ASP C 100 0.61 -22.08 24.37
N LYS C 101 -0.19 -22.48 25.38
CA LYS C 101 0.39 -23.19 26.52
C LYS C 101 1.02 -24.50 26.09
N HIS C 102 0.35 -25.26 25.23
CA HIS C 102 0.85 -26.54 24.79
C HIS C 102 1.13 -26.52 23.31
N ALA C 103 1.98 -27.45 22.89
CA ALA C 103 2.24 -27.61 21.47
C ALA C 103 0.94 -27.97 20.76
N ILE C 104 0.81 -27.46 19.54
CA ILE C 104 -0.31 -27.76 18.67
C ILE C 104 0.08 -28.88 17.72
N ILE C 105 -0.74 -29.93 17.69
CA ILE C 105 -0.53 -31.07 16.81
C ILE C 105 -1.40 -30.88 15.56
N VAL C 106 -0.76 -30.89 14.39
CA VAL C 106 -1.48 -30.70 13.14
C VAL C 106 -2.43 -31.89 12.93
N GLU C 107 -3.62 -31.61 12.39
CA GLU C 107 -4.55 -32.69 12.14
C GLU C 107 -3.98 -33.65 11.09
N PRO C 108 -4.31 -34.93 11.19
CA PRO C 108 -3.59 -35.94 10.38
C PRO C 108 -3.57 -35.68 8.89
N GLU C 109 -4.68 -35.26 8.30
CA GLU C 109 -4.71 -35.08 6.86
C GLU C 109 -3.86 -33.91 6.36
N LYS C 110 -3.32 -33.08 7.27
CA LYS C 110 -2.46 -31.95 6.88
C LYS C 110 -1.03 -32.12 7.36
N ARG C 111 -0.66 -33.29 7.86
CA ARG C 111 0.65 -33.50 8.48
C ARG C 111 1.76 -33.62 7.45
N GLY C 112 2.80 -32.82 7.65
CA GLY C 112 4.05 -32.97 6.96
C GLY C 112 5.15 -33.40 7.93
N LYS C 113 6.39 -33.19 7.49
CA LYS C 113 7.50 -33.74 8.23
C LYS C 113 8.20 -32.75 9.18
N TYR C 114 7.79 -31.48 9.20
CA TYR C 114 8.53 -30.44 9.90
C TYR C 114 7.88 -29.99 11.21
N VAL C 115 8.75 -29.60 12.15
CA VAL C 115 8.37 -29.02 13.44
C VAL C 115 8.82 -27.56 13.45
N VAL C 116 7.92 -26.65 13.85
CA VAL C 116 8.22 -25.21 13.82
C VAL C 116 7.97 -24.62 15.20
N CYS C 117 8.99 -23.98 15.76
CA CYS C 117 8.89 -23.20 16.99
C CYS C 117 8.99 -21.72 16.62
N PHE C 118 8.03 -20.93 17.07
CA PHE C 118 8.05 -19.54 16.68
C PHE C 118 7.51 -18.64 17.78
N ASP C 119 7.96 -17.39 17.75
CA ASP C 119 7.39 -16.29 18.53
C ASP C 119 6.72 -15.35 17.54
N PRO C 120 5.39 -15.34 17.45
CA PRO C 120 4.74 -14.66 16.31
C PRO C 120 4.95 -13.14 16.31
N LEU C 121 4.95 -12.50 17.49
CA LEU C 121 5.14 -11.07 17.59
C LEU C 121 5.96 -10.79 18.82
N ASP C 122 7.23 -11.15 18.73
CA ASP C 122 8.17 -10.95 19.82
C ASP C 122 8.31 -9.46 20.10
N GLY C 123 8.34 -9.12 21.37
CA GLY C 123 8.46 -7.73 21.76
C GLY C 123 7.16 -6.98 21.81
N SER C 124 6.03 -7.64 21.53
CA SER C 124 4.75 -6.95 21.47
C SER C 124 4.33 -6.40 22.84
N SER C 125 4.99 -6.82 23.91
CA SER C 125 4.64 -6.32 25.23
C SER C 125 4.73 -4.80 25.30
N ASN C 126 5.68 -4.20 24.60
CA ASN C 126 5.88 -2.75 24.57
C ASN C 126 5.51 -2.11 23.23
N ILE C 127 4.59 -2.71 22.47
CA ILE C 127 4.19 -2.17 21.17
C ILE C 127 3.42 -0.87 21.31
N ASP C 128 3.03 -0.48 22.52
CA ASP C 128 2.32 0.79 22.72
C ASP C 128 3.19 1.99 22.38
N CYS C 129 4.51 1.85 22.50
CA CYS C 129 5.44 2.92 22.16
C CYS C 129 6.02 2.75 20.77
N LEU C 130 5.44 1.87 19.97
CA LEU C 130 5.82 1.64 18.58
C LEU C 130 7.25 1.12 18.44
N VAL C 131 7.78 0.51 19.51
CA VAL C 131 9.09 -0.10 19.46
C VAL C 131 9.09 -1.17 18.36
N SER C 132 10.26 -1.41 17.76
CA SER C 132 10.36 -2.49 16.79
C SER C 132 9.88 -3.80 17.39
N VAL C 133 9.11 -4.55 16.61
CA VAL C 133 8.65 -5.87 16.98
C VAL C 133 9.10 -6.80 15.88
N GLY C 134 8.89 -8.10 16.07
CA GLY C 134 9.39 -9.06 15.12
C GLY C 134 8.80 -10.45 15.33
N THR C 135 9.09 -11.32 14.36
CA THR C 135 8.67 -12.71 14.38
C THR C 135 9.93 -13.57 14.33
N ILE C 136 10.03 -14.52 15.26
CA ILE C 136 11.18 -15.40 15.35
C ILE C 136 10.71 -16.81 15.06
N PHE C 137 11.49 -17.55 14.26
CA PHE C 137 11.13 -18.93 13.93
C PHE C 137 12.36 -19.82 13.83
N GLY C 138 12.17 -21.07 14.23
CA GLY C 138 13.14 -22.13 14.06
C GLY C 138 12.45 -23.38 13.57
N ILE C 139 13.05 -24.08 12.60
CA ILE C 139 12.41 -25.18 11.87
C ILE C 139 13.23 -26.46 12.03
N TYR C 140 12.56 -27.52 12.50
CA TYR C 140 13.14 -28.85 12.68
C TYR C 140 12.45 -29.90 11.82
N ARG C 141 13.20 -30.94 11.47
CA ARG C 141 12.66 -32.16 10.92
C ARG C 141 12.20 -33.05 12.07
N LYS C 142 10.99 -33.57 11.99
CA LYS C 142 10.54 -34.49 13.02
C LYS C 142 11.48 -35.68 13.06
N LYS C 143 12.03 -35.96 14.24
CA LYS C 143 13.05 -37.01 14.33
C LYS C 143 12.47 -38.36 14.76
N SER C 144 11.51 -38.37 15.67
CA SER C 144 10.99 -39.63 16.16
C SER C 144 9.87 -40.15 15.23
N THR C 145 9.68 -41.47 15.23
CA THR C 145 8.62 -42.08 14.44
C THR C 145 7.34 -42.28 15.24
N ASP C 146 7.35 -41.92 16.52
CA ASP C 146 6.14 -41.99 17.32
C ASP C 146 5.08 -41.04 16.77
N GLU C 147 3.87 -41.22 17.27
CA GLU C 147 2.80 -40.28 16.98
C GLU C 147 3.28 -38.86 17.34
N PRO C 148 2.95 -37.85 16.53
CA PRO C 148 3.42 -36.49 16.83
C PRO C 148 2.97 -36.01 18.21
N SER C 149 3.86 -35.29 18.89
CA SER C 149 3.56 -34.84 20.23
C SER C 149 4.54 -33.71 20.55
N GLU C 150 4.30 -33.08 21.71
CA GLU C 150 5.15 -32.02 22.23
C GLU C 150 6.64 -32.40 22.24
N LYS C 151 6.98 -33.67 22.49
CA LYS C 151 8.38 -34.09 22.52
C LYS C 151 9.09 -33.88 21.18
N ASP C 152 8.36 -33.80 20.07
CA ASP C 152 9.04 -33.71 18.78
C ASP C 152 9.70 -32.34 18.60
N ALA C 153 9.32 -31.36 19.40
CA ALA C 153 9.92 -30.03 19.45
C ALA C 153 11.07 -29.90 20.44
N LEU C 154 11.35 -30.94 21.23
CA LEU C 154 12.42 -30.84 22.23
C LEU C 154 13.77 -31.26 21.68
N GLN C 155 14.13 -30.73 20.57
CA GLN C 155 15.41 -31.03 19.96
C GLN C 155 16.39 -29.90 20.25
N PRO C 156 17.68 -30.21 20.37
CA PRO C 156 18.66 -29.13 20.52
C PRO C 156 18.78 -28.31 19.26
N GLY C 157 19.17 -27.05 19.44
CA GLY C 157 19.29 -26.14 18.32
C GLY C 157 20.25 -26.60 17.23
N ARG C 158 21.23 -27.45 17.59
CA ARG C 158 22.14 -28.01 16.58
C ARG C 158 21.38 -28.72 15.47
N ASN C 159 20.17 -29.22 15.75
CA ASN C 159 19.36 -30.00 14.82
C ASN C 159 18.56 -29.16 13.85
N LEU C 160 18.70 -27.83 13.87
CA LEU C 160 17.88 -26.95 13.04
C LEU C 160 18.21 -27.12 11.57
N VAL C 161 17.16 -27.14 10.75
CA VAL C 161 17.27 -27.09 9.30
C VAL C 161 17.28 -25.65 8.79
N ALA C 162 16.44 -24.80 9.40
CA ALA C 162 16.34 -23.41 9.00
C ALA C 162 15.86 -22.61 10.20
N ALA C 163 16.34 -21.38 10.27
CA ALA C 163 15.88 -20.45 11.30
C ALA C 163 16.08 -19.02 10.81
N GLY C 164 15.36 -18.10 11.45
CA GLY C 164 15.55 -16.70 11.15
C GLY C 164 14.53 -15.85 11.85
N TYR C 165 14.33 -14.66 11.28
CA TYR C 165 13.37 -13.73 11.86
C TYR C 165 12.97 -12.69 10.83
N ALA C 166 11.82 -12.07 11.08
CA ALA C 166 11.38 -10.87 10.40
C ALA C 166 11.42 -9.71 11.39
N LEU C 167 12.05 -8.60 11.00
CA LEU C 167 12.09 -7.42 11.85
C LEU C 167 11.15 -6.40 11.24
N TYR C 168 10.14 -6.01 12.02
CA TYR C 168 9.21 -4.93 11.69
C TYR C 168 9.75 -3.66 12.36
N GLY C 169 10.74 -3.05 11.71
CA GLY C 169 11.32 -1.81 12.18
C GLY C 169 10.99 -0.66 11.25
N SER C 170 11.98 0.18 10.95
CA SER C 170 11.75 1.25 9.98
C SER C 170 11.31 0.67 8.63
N ALA C 171 11.82 -0.50 8.25
CA ALA C 171 11.27 -1.30 7.16
C ALA C 171 11.13 -2.73 7.67
N THR C 172 10.55 -3.60 6.86
CA THR C 172 10.40 -5.01 7.21
C THR C 172 11.49 -5.78 6.49
N MET C 173 12.30 -6.53 7.25
CA MET C 173 13.34 -7.37 6.68
C MET C 173 13.23 -8.80 7.23
N LEU C 174 13.36 -9.78 6.33
CA LEU C 174 13.41 -11.19 6.71
C LEU C 174 14.84 -11.70 6.59
N VAL C 175 15.37 -12.22 7.70
CA VAL C 175 16.71 -12.81 7.76
C VAL C 175 16.55 -14.34 7.82
N LEU C 176 17.14 -15.04 6.86
CA LEU C 176 16.98 -16.48 6.72
C LEU C 176 18.33 -17.17 6.82
N ALA C 177 18.49 -18.03 7.83
CA ALA C 177 19.72 -18.78 8.03
C ALA C 177 19.45 -20.26 7.72
N MET C 178 20.31 -20.83 6.89
CA MET C 178 20.29 -22.25 6.58
C MET C 178 21.73 -22.74 6.57
N ASP C 179 21.91 -23.98 6.13
CA ASP C 179 23.25 -24.55 6.04
C ASP C 179 24.13 -23.76 5.06
N CYS C 180 23.53 -23.19 4.00
CA CYS C 180 24.27 -22.40 3.02
C CYS C 180 24.72 -21.03 3.54
N GLY C 181 24.26 -20.59 4.71
CA GLY C 181 24.60 -19.27 5.22
C GLY C 181 23.36 -18.43 5.49
N VAL C 182 23.59 -17.13 5.69
CA VAL C 182 22.58 -16.18 6.11
C VAL C 182 22.29 -15.20 4.97
N ASN C 183 21.00 -14.99 4.67
CA ASN C 183 20.57 -14.06 3.62
C ASN C 183 19.42 -13.18 4.10
N CYS C 184 19.45 -11.91 3.67
CA CYS C 184 18.55 -10.88 4.17
C CYS C 184 17.68 -10.37 3.04
N PHE C 185 16.38 -10.30 3.29
CA PHE C 185 15.42 -9.95 2.26
C PHE C 185 14.56 -8.79 2.76
N MET C 186 14.48 -7.74 1.95
CA MET C 186 13.69 -6.57 2.28
C MET C 186 12.31 -6.67 1.67
N LEU C 187 11.29 -6.52 2.51
CA LEU C 187 9.93 -6.51 2.02
C LEU C 187 9.69 -5.17 1.36
N ASP C 188 9.42 -5.19 0.04
CA ASP C 188 8.93 -4.07 -0.75
C ASP C 188 7.43 -4.11 -0.64
N PRO C 189 6.85 -3.22 0.16
CA PRO C 189 5.39 -3.24 0.34
C PRO C 189 4.61 -2.79 -0.88
N ALA C 190 5.27 -2.19 -1.89
CA ALA C 190 4.54 -1.83 -3.11
C ALA C 190 4.07 -3.06 -3.89
N ILE C 191 4.78 -4.18 -3.76
CA ILE C 191 4.46 -5.38 -4.52
C ILE C 191 4.36 -6.63 -3.65
N GLY C 192 4.49 -6.50 -2.33
CA GLY C 192 4.45 -7.65 -1.46
C GLY C 192 5.46 -8.70 -1.88
N GLU C 193 6.73 -8.31 -2.02
CA GLU C 193 7.77 -9.27 -2.39
C GLU C 193 9.01 -9.02 -1.53
N PHE C 194 9.65 -10.12 -1.08
CA PHE C 194 10.89 -10.05 -0.32
C PHE C 194 12.07 -10.06 -1.29
N ILE C 195 12.81 -8.94 -1.36
CA ILE C 195 13.91 -8.77 -2.31
C ILE C 195 15.22 -9.07 -1.59
N LEU C 196 16.08 -9.89 -2.22
CA LEU C 196 17.41 -10.21 -1.67
C LEU C 196 18.33 -8.99 -1.73
N VAL C 197 18.79 -8.53 -0.56
CA VAL C 197 19.62 -7.33 -0.48
C VAL C 197 20.97 -7.55 0.20
N ASP C 198 21.17 -8.62 0.97
CA ASP C 198 22.47 -8.91 1.59
C ASP C 198 22.70 -10.41 1.52
N LYS C 199 23.67 -10.83 0.70
CA LYS C 199 23.91 -12.24 0.46
C LYS C 199 25.02 -12.73 1.35
N ASP C 200 24.84 -13.95 1.87
CA ASP C 200 25.87 -14.69 2.61
C ASP C 200 26.55 -13.81 3.67
N VAL C 201 25.74 -13.37 4.64
CA VAL C 201 26.16 -12.33 5.59
C VAL C 201 27.08 -12.91 6.64
N LYS C 202 28.13 -12.16 6.96
CA LYS C 202 29.07 -12.52 8.02
C LYS C 202 29.17 -11.36 9.01
N ILE C 203 29.19 -11.69 10.30
CA ILE C 203 29.24 -10.64 11.32
C ILE C 203 30.68 -10.18 11.50
N LYS C 204 30.87 -8.91 11.92
CA LYS C 204 32.21 -8.45 12.23
C LYS C 204 32.85 -9.33 13.29
N LYS C 205 34.17 -9.49 13.16
CA LYS C 205 34.94 -10.26 14.12
C LYS C 205 34.90 -9.61 15.51
N LYS C 206 34.87 -8.28 15.57
CA LYS C 206 34.79 -7.60 16.86
C LYS C 206 34.03 -6.28 16.68
N GLY C 207 33.17 -5.94 17.65
CA GLY C 207 32.36 -4.75 17.53
C GLY C 207 32.63 -3.69 18.57
N LYS C 208 31.80 -2.63 18.62
CA LYS C 208 31.97 -1.52 19.56
C LYS C 208 30.66 -1.17 20.25
N ILE C 209 29.74 -2.10 20.34
CA ILE C 209 28.46 -1.88 20.98
C ILE C 209 28.14 -3.10 21.84
N TYR C 210 27.73 -2.85 23.08
CA TYR C 210 27.20 -3.89 23.95
C TYR C 210 25.75 -3.56 24.28
N SER C 211 24.95 -4.60 24.52
CA SER C 211 23.51 -4.43 24.57
C SER C 211 22.93 -5.30 25.68
N LEU C 212 22.43 -4.65 26.74
CA LEU C 212 21.72 -5.37 27.80
C LEU C 212 21.06 -4.37 28.73
N ASN C 213 20.09 -4.87 29.49
CA ASN C 213 19.35 -4.06 30.47
C ASN C 213 20.22 -3.91 31.72
N GLU C 214 20.85 -2.74 31.87
CA GLU C 214 21.65 -2.50 33.06
C GLU C 214 20.79 -2.16 34.26
N GLY C 215 19.46 -2.04 34.08
CA GLY C 215 18.55 -1.93 35.21
C GLY C 215 18.69 -3.06 36.22
N TYR C 216 19.16 -4.23 35.79
CA TYR C 216 19.39 -5.36 36.70
C TYR C 216 20.81 -5.39 37.23
N ALA C 217 21.50 -4.25 37.27
CA ALA C 217 22.90 -4.30 37.66
C ALA C 217 23.09 -4.87 39.05
N LYS C 218 22.11 -4.67 39.94
CA LYS C 218 22.24 -5.15 41.30
C LYS C 218 22.19 -6.67 41.38
N ASP C 219 21.68 -7.35 40.35
CA ASP C 219 21.60 -8.80 40.35
C ASP C 219 22.68 -9.49 39.50
N PHE C 220 23.53 -8.75 38.79
CA PHE C 220 24.49 -9.41 37.90
C PHE C 220 25.44 -10.28 38.70
N ASP C 221 25.75 -11.46 38.16
CA ASP C 221 26.89 -12.22 38.64
C ASP C 221 28.18 -11.48 38.33
N PRO C 222 29.26 -11.79 39.06
CA PRO C 222 30.51 -11.02 38.91
C PRO C 222 31.08 -11.00 37.50
N ALA C 223 30.90 -12.06 36.71
CA ALA C 223 31.47 -12.06 35.36
C ALA C 223 30.80 -11.02 34.48
N VAL C 224 29.47 -10.91 34.55
CA VAL C 224 28.73 -9.88 33.83
C VAL C 224 29.16 -8.49 34.30
N THR C 225 29.29 -8.31 35.62
CA THR C 225 29.70 -7.02 36.17
C THR C 225 31.11 -6.64 35.69
N GLU C 226 32.05 -7.57 35.74
CA GLU C 226 33.39 -7.25 35.28
C GLU C 226 33.40 -6.97 33.79
N TYR C 227 32.71 -7.80 32.99
CA TYR C 227 32.74 -7.62 31.54
C TYR C 227 32.23 -6.24 31.11
N ILE C 228 31.13 -5.79 31.72
CA ILE C 228 30.57 -4.48 31.40
C ILE C 228 31.51 -3.37 31.82
N GLN C 229 32.14 -3.52 32.99
CA GLN C 229 33.14 -2.53 33.42
C GLN C 229 34.29 -2.46 32.44
N ARG C 230 34.66 -3.60 31.84
CA ARG C 230 35.69 -3.58 30.82
C ARG C 230 35.25 -2.82 29.57
N LYS C 231 33.95 -2.82 29.27
CA LYS C 231 33.46 -2.05 28.12
C LYS C 231 33.41 -0.55 28.41
N LYS C 232 33.12 -0.14 29.64
CA LYS C 232 33.06 1.28 29.96
C LYS C 232 34.43 1.84 30.31
N PHE C 233 35.28 1.04 30.93
CA PHE C 233 36.62 1.48 31.37
C PHE C 233 37.65 0.50 30.84
N PRO C 234 37.97 0.58 29.55
CA PRO C 234 38.85 -0.42 28.95
C PRO C 234 40.21 -0.40 29.62
N PRO C 235 40.69 -1.55 30.08
CA PRO C 235 41.97 -1.59 30.79
C PRO C 235 43.17 -1.32 29.88
N ASP C 236 42.96 -1.32 28.56
CA ASP C 236 43.98 -1.01 27.58
C ASP C 236 43.94 0.45 27.16
N ASN C 237 43.12 1.26 27.84
CA ASN C 237 42.95 2.68 27.54
C ASN C 237 42.38 2.90 26.13
N SER C 238 41.85 1.86 25.49
CA SER C 238 41.18 2.03 24.21
C SER C 238 39.84 2.74 24.44
N ALA C 239 39.13 3.03 23.36
CA ALA C 239 37.88 3.76 23.47
C ALA C 239 36.78 2.85 24.02
N PRO C 240 35.92 3.37 24.89
CA PRO C 240 34.77 2.58 25.37
C PRO C 240 33.84 2.19 24.23
N TYR C 241 33.15 1.07 24.44
CA TYR C 241 32.07 0.67 23.56
C TYR C 241 30.89 1.60 23.78
N GLY C 242 30.06 1.77 22.75
CA GLY C 242 28.76 2.39 22.94
C GLY C 242 27.71 1.39 23.44
N ALA C 243 26.67 1.92 24.06
CA ALA C 243 25.58 1.11 24.60
C ALA C 243 24.28 1.35 23.83
N ARG C 244 23.53 0.28 23.58
CA ARG C 244 22.21 0.36 22.96
C ARG C 244 21.35 -0.75 23.54
N TYR C 245 20.10 -0.43 23.90
CA TYR C 245 19.22 -1.50 24.34
C TYR C 245 17.79 -1.10 24.00
N VAL C 246 17.29 -1.64 22.88
CA VAL C 246 15.92 -1.37 22.48
C VAL C 246 14.95 -2.04 23.43
N GLY C 247 15.32 -3.20 23.96
CA GLY C 247 14.41 -3.98 24.76
C GLY C 247 13.56 -4.91 23.95
N SER C 248 13.79 -5.01 22.66
CA SER C 248 13.10 -5.98 21.81
C SER C 248 14.15 -6.84 21.12
N MET C 249 14.08 -8.14 21.36
CA MET C 249 15.19 -9.03 21.02
C MET C 249 15.54 -8.99 19.53
N VAL C 250 14.54 -9.02 18.66
CA VAL C 250 14.84 -9.03 17.24
C VAL C 250 15.59 -7.77 16.84
N ALA C 251 15.20 -6.61 17.40
CA ALA C 251 15.86 -5.36 17.04
C ALA C 251 17.31 -5.34 17.53
N ASP C 252 17.56 -5.76 18.78
CA ASP C 252 18.91 -5.74 19.33
C ASP C 252 19.81 -6.76 18.63
N VAL C 253 19.29 -7.96 18.33
CA VAL C 253 20.11 -8.98 17.67
C VAL C 253 20.47 -8.54 16.26
N HIS C 254 19.51 -7.96 15.54
CA HIS C 254 19.77 -7.54 14.17
C HIS C 254 20.83 -6.45 14.10
N ARG C 255 20.76 -5.46 15.00
CA ARG C 255 21.83 -4.46 15.07
C ARG C 255 23.18 -5.13 15.30
N THR C 256 23.21 -6.12 16.20
CA THR C 256 24.44 -6.85 16.47
C THR C 256 24.95 -7.51 15.21
N LEU C 257 24.06 -8.14 14.44
CA LEU C 257 24.46 -8.78 13.21
C LEU C 257 24.98 -7.75 12.21
N VAL C 258 24.32 -6.58 12.12
CA VAL C 258 24.68 -5.62 11.09
C VAL C 258 25.91 -4.81 11.48
N TYR C 259 25.99 -4.39 12.74
CA TYR C 259 27.05 -3.51 13.20
C TYR C 259 28.13 -4.21 14.02
N GLY C 260 27.96 -5.48 14.35
CA GLY C 260 28.88 -6.16 15.24
C GLY C 260 28.65 -5.82 16.71
N GLY C 261 29.40 -6.49 17.56
CA GLY C 261 29.28 -6.27 19.00
C GLY C 261 28.75 -7.48 19.75
N ILE C 262 28.07 -7.24 20.86
CA ILE C 262 27.67 -8.29 21.80
C ILE C 262 26.30 -7.97 22.39
N PHE C 263 25.49 -9.00 22.58
CA PHE C 263 24.16 -8.91 23.18
C PHE C 263 24.09 -9.82 24.41
N LEU C 264 23.52 -9.33 25.51
CA LEU C 264 23.41 -10.10 26.74
C LEU C 264 21.99 -10.06 27.31
N TYR C 265 21.45 -11.22 27.67
CA TYR C 265 20.33 -11.32 28.60
C TYR C 265 20.62 -12.40 29.63
N PRO C 266 21.40 -12.08 30.65
CA PRO C 266 21.85 -13.08 31.62
C PRO C 266 20.75 -13.35 32.65
N ALA C 267 21.04 -14.29 33.54
CA ALA C 267 20.11 -14.58 34.61
C ALA C 267 20.20 -13.49 35.67
N ASN C 268 19.07 -13.26 36.36
CA ASN C 268 19.01 -12.33 37.48
C ASN C 268 18.10 -12.97 38.53
N LYS C 269 17.77 -12.21 39.59
CA LYS C 269 16.93 -12.78 40.65
C LYS C 269 15.52 -13.07 40.15
N LYS C 270 14.94 -12.20 39.33
CA LYS C 270 13.62 -12.48 38.79
C LYS C 270 13.66 -13.63 37.79
N SER C 271 14.82 -13.89 37.18
CA SER C 271 14.98 -14.90 36.15
C SER C 271 16.22 -15.75 36.41
N PRO C 272 16.15 -16.66 37.39
CA PRO C 272 17.34 -17.47 37.71
C PRO C 272 17.77 -18.44 36.61
N ASN C 273 16.90 -18.74 35.63
CA ASN C 273 17.21 -19.57 34.46
C ASN C 273 17.28 -18.71 33.18
N GLY C 274 17.60 -17.45 33.32
CA GLY C 274 17.46 -16.49 32.24
C GLY C 274 16.02 -16.09 32.02
N LYS C 275 15.83 -15.18 31.07
CA LYS C 275 14.52 -14.64 30.73
C LYS C 275 14.06 -15.06 29.34
N LEU C 276 14.94 -15.01 28.36
CA LEU C 276 14.55 -15.34 27.00
C LEU C 276 14.33 -16.84 26.83
N ARG C 277 13.46 -17.21 25.87
CA ARG C 277 13.02 -18.58 25.68
C ARG C 277 13.95 -19.34 24.75
N LEU C 278 14.24 -20.59 25.11
CA LEU C 278 15.22 -21.36 24.36
C LEU C 278 14.67 -21.78 22.99
N LEU C 279 13.43 -22.25 22.93
CA LEU C 279 12.94 -22.89 21.72
C LEU C 279 12.73 -21.90 20.57
N TYR C 280 12.17 -20.72 20.86
CA TYR C 280 11.76 -19.83 19.78
C TYR C 280 12.30 -18.41 19.95
N GLU C 281 13.30 -18.20 20.82
CA GLU C 281 14.06 -16.95 20.89
C GLU C 281 15.56 -17.19 20.85
N CYS C 282 16.08 -18.01 21.77
CA CYS C 282 17.53 -18.19 21.88
C CYS C 282 18.08 -19.08 20.75
N ASN C 283 17.47 -20.25 20.53
CA ASN C 283 18.01 -21.16 19.50
C ASN C 283 18.01 -20.53 18.10
N PRO C 284 16.91 -19.96 17.60
CA PRO C 284 16.99 -19.35 16.25
C PRO C 284 18.04 -18.25 16.12
N MET C 285 18.17 -17.36 17.11
CA MET C 285 19.19 -16.32 17.03
C MET C 285 20.59 -16.92 17.11
N ALA C 286 20.73 -17.98 17.91
CA ALA C 286 21.99 -18.69 17.99
C ALA C 286 22.35 -19.34 16.65
N TYR C 287 21.35 -19.89 15.96
CA TYR C 287 21.61 -20.46 14.64
C TYR C 287 22.03 -19.38 13.66
N VAL C 288 21.34 -18.24 13.64
CA VAL C 288 21.69 -17.16 12.72
C VAL C 288 23.10 -16.65 13.01
N MET C 289 23.43 -16.44 14.29
CA MET C 289 24.76 -15.97 14.66
C MET C 289 25.83 -16.94 14.18
N GLU C 290 25.70 -18.21 14.52
CA GLU C 290 26.75 -19.17 14.18
C GLU C 290 26.93 -19.31 12.66
N LYS C 291 25.83 -19.30 11.91
CA LYS C 291 25.93 -19.32 10.45
C LYS C 291 26.51 -18.03 9.90
N ALA C 292 26.46 -16.94 10.65
CA ALA C 292 27.10 -15.70 10.25
C ALA C 292 28.53 -15.58 10.80
N GLY C 293 29.07 -16.65 11.38
CA GLY C 293 30.37 -16.62 12.00
C GLY C 293 30.45 -16.01 13.37
N GLY C 294 29.32 -15.85 14.06
CA GLY C 294 29.32 -15.36 15.42
C GLY C 294 29.25 -16.50 16.40
N MET C 295 29.06 -16.15 17.68
CA MET C 295 28.93 -17.14 18.73
C MET C 295 27.72 -16.82 19.58
N ALA C 296 27.22 -17.85 20.27
CA ALA C 296 26.06 -17.71 21.15
C ALA C 296 26.15 -18.79 22.22
N THR C 297 26.36 -18.36 23.46
CA THR C 297 26.67 -19.21 24.59
C THR C 297 25.74 -18.88 25.76
N THR C 298 25.48 -19.88 26.61
CA THR C 298 24.80 -19.61 27.88
C THR C 298 25.76 -19.18 28.97
N GLY C 299 27.06 -19.23 28.72
CA GLY C 299 28.06 -19.12 29.76
C GLY C 299 28.70 -20.48 30.01
N LYS C 300 27.86 -21.52 30.12
CA LYS C 300 28.35 -22.85 30.42
C LYS C 300 28.55 -23.69 29.16
N GLU C 301 27.82 -23.39 28.08
CA GLU C 301 27.89 -24.17 26.85
C GLU C 301 27.26 -23.35 25.74
N ALA C 302 27.39 -23.84 24.52
CA ALA C 302 26.69 -23.24 23.38
C ALA C 302 25.17 -23.42 23.52
N VAL C 303 24.43 -22.35 23.19
CA VAL C 303 22.97 -22.36 23.25
C VAL C 303 22.41 -23.55 22.46
N LEU C 304 22.94 -23.75 21.25
CA LEU C 304 22.48 -24.81 20.37
C LEU C 304 22.78 -26.21 20.91
N ASP C 305 23.61 -26.32 21.94
CA ASP C 305 23.88 -27.64 22.51
C ASP C 305 22.95 -27.99 23.66
N VAL C 306 22.19 -27.03 24.19
CA VAL C 306 21.29 -27.30 25.30
C VAL C 306 20.17 -28.23 24.83
N ILE C 307 19.94 -29.30 25.59
CA ILE C 307 18.89 -30.27 25.29
C ILE C 307 17.65 -29.87 26.08
N PRO C 308 16.61 -29.34 25.44
CA PRO C 308 15.45 -28.86 26.20
C PRO C 308 14.65 -30.01 26.77
N THR C 309 13.97 -29.74 27.88
CA THR C 309 13.03 -30.64 28.52
C THR C 309 11.62 -30.09 28.59
N ASP C 310 11.42 -28.79 28.32
CA ASP C 310 10.13 -28.12 28.41
C ASP C 310 10.05 -27.07 27.32
N ILE C 311 8.94 -27.05 26.58
CA ILE C 311 8.87 -26.22 25.37
C ILE C 311 8.96 -24.73 25.66
N HIS C 312 8.63 -24.28 26.88
CA HIS C 312 8.72 -22.86 27.23
C HIS C 312 9.88 -22.54 28.18
N GLN C 313 10.86 -23.44 28.28
CA GLN C 313 11.93 -23.20 29.25
C GLN C 313 12.81 -22.05 28.79
N ARG C 314 13.39 -21.37 29.78
CA ARG C 314 14.21 -20.19 29.56
C ARG C 314 15.69 -20.55 29.51
N ALA C 315 16.50 -19.61 29.00
CA ALA C 315 17.93 -19.82 28.92
C ALA C 315 18.66 -18.49 29.00
N PRO C 316 19.77 -18.44 29.72
CA PRO C 316 20.66 -17.28 29.63
C PRO C 316 21.29 -17.25 28.25
N VAL C 317 21.58 -16.05 27.76
CA VAL C 317 22.16 -15.93 26.42
C VAL C 317 23.15 -14.76 26.38
N ILE C 318 24.28 -15.02 25.74
CA ILE C 318 25.29 -14.03 25.39
C ILE C 318 25.72 -14.32 23.95
N LEU C 319 25.47 -13.39 23.03
CA LEU C 319 25.71 -13.65 21.62
C LEU C 319 26.25 -12.41 20.93
N GLY C 320 26.82 -12.61 19.74
CA GLY C 320 27.34 -11.53 18.92
C GLY C 320 28.67 -11.87 18.27
N SER C 321 29.50 -10.85 18.04
CA SER C 321 30.79 -11.01 17.37
C SER C 321 31.68 -12.02 18.10
N PRO C 322 32.41 -12.86 17.37
CA PRO C 322 33.17 -13.94 18.03
C PRO C 322 34.19 -13.44 19.05
N ASP C 323 34.95 -12.40 18.72
CA ASP C 323 35.91 -11.83 19.66
C ASP C 323 35.24 -11.30 20.92
N ASP C 324 34.07 -10.68 20.77
CA ASP C 324 33.39 -10.14 21.95
C ASP C 324 32.87 -11.26 22.86
N VAL C 325 32.23 -12.28 22.28
CA VAL C 325 31.78 -13.41 23.10
C VAL C 325 32.97 -14.12 23.74
N LEU C 326 34.05 -14.33 22.97
CA LEU C 326 35.23 -14.99 23.54
C LEU C 326 35.83 -14.14 24.66
N GLU C 327 35.78 -12.82 24.52
CA GLU C 327 36.22 -11.99 25.62
C GLU C 327 35.34 -12.19 26.85
N PHE C 328 34.03 -12.26 26.67
CA PHE C 328 33.18 -12.51 27.82
C PHE C 328 33.54 -13.85 28.46
N LEU C 329 33.76 -14.87 27.63
CA LEU C 329 33.95 -16.20 28.19
C LEU C 329 35.25 -16.31 28.98
N LYS C 330 36.28 -15.55 28.58
CA LYS C 330 37.47 -15.47 29.40
C LYS C 330 37.15 -14.92 30.79
N VAL C 331 36.37 -13.84 30.86
CA VAL C 331 35.96 -13.29 32.15
C VAL C 331 35.14 -14.32 32.92
N TYR C 332 34.23 -15.00 32.23
CA TYR C 332 33.45 -16.04 32.90
C TYR C 332 34.36 -17.14 33.43
N GLU C 333 35.37 -17.52 32.65
CA GLU C 333 36.30 -18.55 33.10
C GLU C 333 37.07 -18.09 34.34
N LYS C 334 37.46 -16.81 34.37
CA LYS C 334 38.23 -16.27 35.50
C LYS C 334 37.47 -16.36 36.80
N HIS C 335 36.14 -16.24 36.76
CA HIS C 335 35.33 -16.37 37.96
C HIS C 335 34.86 -17.81 38.18
N SER C 336 35.61 -18.78 37.63
CA SER C 336 35.36 -20.21 37.73
C SER C 336 34.15 -20.63 36.89
N ASP D 10 -16.87 9.59 17.64
CA ASP D 10 -16.89 10.07 16.26
C ASP D 10 -15.45 10.14 15.71
N VAL D 11 -15.21 9.47 14.58
CA VAL D 11 -13.85 9.38 14.02
C VAL D 11 -13.30 10.78 13.72
N ASN D 12 -11.97 10.91 13.80
CA ASN D 12 -11.35 12.18 13.49
C ASN D 12 -9.98 11.94 12.88
N THR D 13 -9.58 12.82 11.97
CA THR D 13 -8.26 12.83 11.35
C THR D 13 -7.52 14.09 11.74
N LEU D 14 -6.23 14.12 11.44
CA LEU D 14 -5.42 15.27 11.80
C LEU D 14 -5.91 16.51 11.07
N THR D 15 -6.17 16.40 9.76
CA THR D 15 -6.63 17.53 8.96
C THR D 15 -7.96 18.07 9.49
N ARG D 16 -8.92 17.19 9.72
CA ARG D 16 -10.21 17.62 10.24
C ARG D 16 -10.07 18.24 11.63
N PHE D 17 -9.29 17.61 12.51
CA PHE D 17 -9.06 18.14 13.84
C PHE D 17 -8.44 19.52 13.80
N VAL D 18 -7.46 19.75 12.92
CA VAL D 18 -6.78 21.04 12.91
C VAL D 18 -7.67 22.11 12.29
N MET D 19 -8.43 21.76 11.25
CA MET D 19 -9.39 22.72 10.67
C MET D 19 -10.41 23.17 11.69
N GLU D 20 -10.92 22.22 12.49
CA GLU D 20 -11.95 22.54 13.47
C GLU D 20 -11.42 23.45 14.57
N GLU D 21 -10.22 23.19 15.07
CA GLU D 21 -9.67 24.11 16.06
C GLU D 21 -9.39 25.45 15.41
N GLY D 22 -8.92 25.42 14.15
CA GLY D 22 -8.60 26.65 13.46
C GLY D 22 -9.83 27.51 13.25
N ARG D 23 -10.97 26.88 12.96
CA ARG D 23 -12.19 27.65 12.80
C ARG D 23 -12.66 28.21 14.14
N LYS D 24 -12.67 27.40 15.20
CA LYS D 24 -13.02 27.95 16.50
C LYS D 24 -12.15 29.16 16.80
N ALA D 25 -10.87 29.09 16.49
CA ALA D 25 -9.96 30.18 16.81
C ALA D 25 -10.08 31.33 15.83
N ARG D 26 -10.79 31.15 14.72
CA ARG D 26 -11.04 32.19 13.73
C ARG D 26 -9.75 32.75 13.16
N GLY D 27 -8.79 31.87 12.87
CA GLY D 27 -7.54 32.29 12.26
C GLY D 27 -7.62 32.43 10.74
N THR D 28 -6.51 32.92 10.15
CA THR D 28 -6.49 33.13 8.70
C THR D 28 -6.44 31.84 7.91
N GLY D 29 -6.05 30.71 8.53
CA GLY D 29 -5.91 29.45 7.83
C GLY D 29 -4.49 29.07 7.47
N GLU D 30 -3.52 29.98 7.63
CA GLU D 30 -2.17 29.71 7.15
C GLU D 30 -1.53 28.54 7.91
N LEU D 31 -1.74 28.50 9.23
CA LEU D 31 -1.17 27.41 10.03
C LEU D 31 -1.79 26.06 9.65
N THR D 32 -3.10 26.02 9.41
CA THR D 32 -3.71 24.80 8.92
C THR D 32 -3.09 24.39 7.58
N GLN D 33 -2.79 25.35 6.71
CA GLN D 33 -2.14 25.04 5.44
C GLN D 33 -0.73 24.48 5.61
N LEU D 34 0.07 25.11 6.47
CA LEU D 34 1.39 24.61 6.81
C LEU D 34 1.33 23.16 7.28
N LEU D 35 0.52 22.90 8.32
CA LEU D 35 0.52 21.58 8.92
C LEU D 35 0.05 20.52 7.92
N ASN D 36 -0.94 20.87 7.09
CA ASN D 36 -1.38 19.91 6.07
C ASN D 36 -0.24 19.57 5.11
N SER D 37 0.54 20.59 4.72
CA SER D 37 1.68 20.35 3.84
C SER D 37 2.72 19.45 4.49
N LEU D 38 3.05 19.72 5.77
CA LEU D 38 4.01 18.90 6.49
C LEU D 38 3.54 17.46 6.56
N CYS D 39 2.28 17.27 6.95
N CYS D 39 2.27 17.24 6.90
CA CYS D 39 1.61 15.97 6.95
CA CYS D 39 1.72 15.89 6.95
C CYS D 39 1.87 15.19 5.65
C CYS D 39 1.94 15.16 5.63
N THR D 40 1.70 15.84 4.51
CA THR D 40 1.92 15.19 3.22
C THR D 40 3.38 14.77 3.06
N ALA D 41 4.31 15.63 3.47
CA ALA D 41 5.70 15.25 3.40
C ALA D 41 5.95 14.02 4.26
N VAL D 42 5.35 13.98 5.46
CA VAL D 42 5.56 12.88 6.40
C VAL D 42 5.05 11.57 5.83
N LYS D 43 3.91 11.58 5.16
CA LYS D 43 3.47 10.37 4.48
C LYS D 43 4.47 9.97 3.42
N ALA D 44 5.09 10.95 2.76
CA ALA D 44 6.04 10.61 1.71
C ALA D 44 7.30 10.00 2.30
N ILE D 45 7.80 10.56 3.40
CA ILE D 45 8.97 9.99 4.08
C ILE D 45 8.68 8.57 4.56
N SER D 46 7.51 8.37 5.20
CA SER D 46 7.12 7.04 5.66
C SER D 46 7.19 6.01 4.53
N SER D 47 6.61 6.33 3.37
CA SER D 47 6.62 5.39 2.26
C SER D 47 8.05 5.05 1.85
N ALA D 48 8.92 6.05 1.79
CA ALA D 48 10.32 5.76 1.42
C ALA D 48 11.04 5.01 2.53
N VAL D 49 10.77 5.33 3.80
CA VAL D 49 11.44 4.66 4.91
C VAL D 49 11.05 3.17 4.98
N ARG D 50 9.78 2.85 4.72
CA ARG D 50 9.40 1.45 4.67
C ARG D 50 9.85 0.76 3.38
N LYS D 51 10.63 1.47 2.53
CA LYS D 51 11.31 0.91 1.36
C LYS D 51 10.34 0.50 0.26
N ALA D 52 9.22 1.21 0.12
CA ALA D 52 8.36 1.00 -1.04
C ALA D 52 9.12 1.28 -2.33
N GLY D 53 9.06 0.33 -3.27
CA GLY D 53 9.70 0.53 -4.56
C GLY D 53 11.15 0.14 -4.61
N ILE D 54 11.70 -0.41 -3.53
CA ILE D 54 13.10 -0.83 -3.51
C ILE D 54 13.39 -1.90 -4.56
N ALA D 55 12.37 -2.68 -4.97
CA ALA D 55 12.58 -3.66 -6.03
C ALA D 55 13.20 -3.03 -7.28
N HIS D 56 12.79 -1.80 -7.61
CA HIS D 56 13.34 -1.14 -8.77
C HIS D 56 14.82 -0.78 -8.59
N LEU D 57 15.22 -0.45 -7.36
CA LEU D 57 16.63 -0.18 -7.09
C LEU D 57 17.49 -1.42 -7.29
N TYR D 58 16.92 -2.61 -7.15
CA TYR D 58 17.64 -3.87 -7.25
C TYR D 58 17.41 -4.60 -8.58
N GLY D 59 16.86 -3.93 -9.59
CA GLY D 59 16.88 -4.41 -10.96
C GLY D 59 15.69 -5.21 -11.43
N ILE D 60 14.53 -5.08 -10.76
CA ILE D 60 13.37 -5.85 -11.17
C ILE D 60 12.95 -5.49 -12.60
N ALA D 61 13.24 -4.28 -13.05
CA ALA D 61 12.93 -3.88 -14.41
C ALA D 61 14.14 -3.84 -15.32
N GLY D 62 15.28 -4.38 -14.89
CA GLY D 62 16.48 -4.39 -15.71
C GLY D 62 17.49 -3.27 -15.46
N LYS D 73 21.21 8.87 1.10
CA LYS D 73 20.17 9.32 0.18
C LYS D 73 18.83 9.54 0.90
N LEU D 74 18.51 8.66 1.85
CA LEU D 74 17.17 8.69 2.44
C LEU D 74 16.96 9.96 3.26
N ASP D 75 17.98 10.41 4.00
CA ASP D 75 17.79 11.64 4.76
C ASP D 75 17.76 12.86 3.84
N VAL D 76 18.50 12.84 2.72
CA VAL D 76 18.45 13.94 1.76
C VAL D 76 17.09 13.99 1.10
N LEU D 77 16.56 12.84 0.72
CA LEU D 77 15.22 12.79 0.14
C LEU D 77 14.18 13.34 1.11
N SER D 78 14.25 12.95 2.40
CA SER D 78 13.31 13.46 3.39
C SER D 78 13.44 14.96 3.53
N ASN D 79 14.68 15.46 3.53
CA ASN D 79 14.89 16.89 3.61
C ASN D 79 14.26 17.58 2.40
N ASP D 80 14.42 16.99 1.21
CA ASP D 80 13.79 17.54 0.01
C ASP D 80 12.27 17.54 0.12
N LEU D 81 11.70 16.50 0.72
CA LEU D 81 10.24 16.42 0.84
C LEU D 81 9.70 17.53 1.73
N VAL D 82 10.31 17.73 2.90
CA VAL D 82 9.85 18.76 3.84
C VAL D 82 10.05 20.15 3.25
N MET D 83 11.27 20.43 2.77
CA MET D 83 11.59 21.73 2.18
C MET D 83 10.60 22.10 1.08
N ASN D 84 10.36 21.17 0.16
CA ASN D 84 9.53 21.51 -0.96
C ASN D 84 8.05 21.60 -0.57
N MET D 85 7.60 20.77 0.38
CA MET D 85 6.21 20.91 0.81
C MET D 85 6.01 22.21 1.59
N LEU D 86 6.97 22.59 2.44
CA LEU D 86 6.80 23.83 3.19
C LEU D 86 6.92 25.07 2.29
N LYS D 87 7.92 25.10 1.39
CA LYS D 87 8.05 26.23 0.48
C LYS D 87 6.76 26.47 -0.29
N SER D 88 6.21 25.42 -0.86
CA SER D 88 5.03 25.52 -1.71
C SER D 88 3.74 25.66 -0.91
N SER D 89 3.80 25.70 0.43
CA SER D 89 2.59 25.92 1.24
C SER D 89 2.15 27.39 1.31
N PHE D 90 2.99 28.34 0.89
CA PHE D 90 2.70 29.78 1.06
C PHE D 90 2.48 30.14 2.54
N ALA D 91 3.10 29.38 3.46
CA ALA D 91 2.91 29.64 4.88
C ALA D 91 4.20 29.94 5.61
N THR D 92 5.35 29.78 4.97
CA THR D 92 6.64 29.89 5.64
C THR D 92 7.48 30.96 4.97
N CYS D 93 8.47 31.43 5.70
CA CYS D 93 9.35 32.43 5.14
C CYS D 93 10.80 32.04 5.40
N VAL D 94 11.05 31.31 6.49
CA VAL D 94 12.40 30.87 6.87
C VAL D 94 12.32 29.41 7.31
N LEU D 95 13.20 28.58 6.76
CA LEU D 95 13.27 27.14 7.02
C LEU D 95 14.68 26.80 7.49
N VAL D 96 14.78 26.17 8.67
CA VAL D 96 16.04 25.72 9.25
C VAL D 96 16.02 24.20 9.36
N SER D 97 17.02 23.55 8.78
CA SER D 97 17.07 22.11 8.76
C SER D 97 18.41 21.62 9.27
N GLU D 98 18.39 20.45 9.93
CA GLU D 98 19.61 19.77 10.32
C GLU D 98 20.53 19.51 9.13
N GLU D 99 19.95 19.38 7.93
CA GLU D 99 20.70 19.02 6.72
C GLU D 99 21.40 20.19 6.04
N ASP D 100 21.08 21.44 6.38
CA ASP D 100 21.56 22.61 5.64
C ASP D 100 22.37 23.53 6.54
N LYS D 101 23.50 24.00 6.01
CA LYS D 101 24.41 24.83 6.81
C LYS D 101 23.78 26.15 7.23
N HIS D 102 23.06 26.82 6.33
CA HIS D 102 22.44 28.12 6.54
C HIS D 102 20.93 27.99 6.51
N ALA D 103 20.24 28.99 7.08
CA ALA D 103 18.79 29.02 6.92
C ALA D 103 18.42 29.15 5.45
N ILE D 104 17.31 28.54 5.09
CA ILE D 104 16.78 28.61 3.74
C ILE D 104 15.71 29.70 3.76
N ILE D 105 15.84 30.69 2.87
CA ILE D 105 14.90 31.80 2.79
C ILE D 105 13.89 31.51 1.66
N VAL D 106 12.61 31.46 2.02
CA VAL D 106 11.58 31.22 1.03
C VAL D 106 11.50 32.40 0.08
N GLU D 107 11.27 32.11 -1.21
CA GLU D 107 11.21 33.14 -2.24
C GLU D 107 10.04 34.09 -1.98
N PRO D 108 10.19 35.38 -2.35
CA PRO D 108 9.21 36.39 -1.95
C PRO D 108 7.77 36.06 -2.33
N GLU D 109 7.58 35.52 -3.53
CA GLU D 109 6.22 35.25 -3.98
C GLU D 109 5.56 34.10 -3.23
N LYS D 110 6.32 33.35 -2.41
CA LYS D 110 5.77 32.21 -1.66
C LYS D 110 5.84 32.40 -0.14
N ARG D 111 6.21 33.58 0.35
CA ARG D 111 6.51 33.76 1.76
C ARG D 111 5.24 33.86 2.59
N GLY D 112 5.18 33.07 3.66
CA GLY D 112 4.17 33.23 4.68
C GLY D 112 4.76 33.73 5.98
N LYS D 113 4.00 33.55 7.07
CA LYS D 113 4.33 34.20 8.33
C LYS D 113 5.07 33.30 9.32
N TYR D 114 5.31 32.03 8.98
CA TYR D 114 5.83 31.08 9.96
C TYR D 114 7.26 30.68 9.66
N VAL D 115 7.98 30.39 10.75
CA VAL D 115 9.35 29.88 10.72
C VAL D 115 9.29 28.43 11.19
N VAL D 116 9.97 27.53 10.45
CA VAL D 116 9.93 26.10 10.75
C VAL D 116 11.35 25.60 10.91
N CYS D 117 11.61 24.97 12.06
CA CYS D 117 12.89 24.30 12.31
C CYS D 117 12.65 22.79 12.40
N PHE D 118 13.40 22.02 11.62
CA PHE D 118 13.14 20.60 11.60
C PHE D 118 14.41 19.79 11.41
N ASP D 119 14.34 18.55 11.88
CA ASP D 119 15.30 17.49 11.57
C ASP D 119 14.56 16.46 10.73
N PRO D 120 14.78 16.42 9.42
CA PRO D 120 13.91 15.60 8.55
C PRO D 120 13.99 14.12 8.81
N LEU D 121 15.17 13.57 9.18
CA LEU D 121 15.24 12.12 9.42
C LEU D 121 16.20 11.84 10.57
N ASP D 122 15.73 12.18 11.77
CA ASP D 122 16.53 12.00 12.97
C ASP D 122 16.78 10.52 13.25
N GLY D 123 18.02 10.19 13.61
CA GLY D 123 18.39 8.81 13.84
C GLY D 123 18.79 8.06 12.60
N SER D 124 18.81 8.72 11.44
CA SER D 124 19.08 8.00 10.19
C SER D 124 20.52 7.50 10.09
N SER D 125 21.41 7.94 10.99
CA SER D 125 22.79 7.45 10.98
C SER D 125 22.86 5.94 11.22
N ASN D 126 21.92 5.37 11.99
CA ASN D 126 21.90 3.92 12.21
C ASN D 126 20.78 3.23 11.43
N ILE D 127 20.36 3.80 10.30
CA ILE D 127 19.25 3.23 9.55
C ILE D 127 19.61 1.92 8.85
N ASP D 128 20.90 1.53 8.81
CA ASP D 128 21.25 0.23 8.25
C ASP D 128 20.72 -0.93 9.08
N CYS D 129 20.44 -0.71 10.36
CA CYS D 129 19.88 -1.74 11.21
C CYS D 129 18.36 -1.62 11.40
N LEU D 130 17.69 -0.82 10.57
CA LEU D 130 16.23 -0.67 10.56
C LEU D 130 15.69 -0.12 11.88
N VAL D 131 16.56 0.58 12.63
CA VAL D 131 16.16 1.26 13.85
C VAL D 131 15.04 2.28 13.56
N SER D 132 14.22 2.55 14.58
CA SER D 132 13.23 3.62 14.48
C SER D 132 13.89 4.92 14.09
N VAL D 133 13.26 5.64 13.16
CA VAL D 133 13.70 6.98 12.79
C VAL D 133 12.48 7.90 12.83
N GLY D 134 12.73 9.19 12.66
CA GLY D 134 11.63 10.12 12.81
C GLY D 134 11.97 11.50 12.29
N THR D 135 10.94 12.34 12.30
CA THR D 135 11.01 13.72 11.86
C THR D 135 10.59 14.61 13.02
N ILE D 136 11.41 15.61 13.35
CA ILE D 136 11.17 16.54 14.44
C ILE D 136 10.97 17.92 13.82
N PHE D 137 9.96 18.64 14.29
CA PHE D 137 9.64 19.95 13.75
C PHE D 137 9.17 20.90 14.85
N GLY D 138 9.52 22.17 14.69
CA GLY D 138 9.02 23.24 15.53
C GLY D 138 8.65 24.46 14.73
N ILE D 139 7.52 25.08 15.03
CA ILE D 139 6.97 26.14 14.20
C ILE D 139 6.90 27.41 15.03
N TYR D 140 7.50 28.48 14.51
CA TYR D 140 7.47 29.79 15.12
C TYR D 140 6.74 30.79 14.23
N ARG D 141 6.18 31.81 14.87
CA ARG D 141 5.71 32.97 14.15
C ARG D 141 6.87 33.92 13.96
N LYS D 142 7.07 34.37 12.72
CA LYS D 142 8.00 35.43 12.50
C LYS D 142 7.54 36.65 13.31
N LYS D 143 8.45 37.22 14.08
CA LYS D 143 8.13 38.32 14.98
C LYS D 143 8.41 39.70 14.41
N SER D 144 9.50 39.91 13.66
CA SER D 144 9.80 41.22 13.12
C SER D 144 9.33 41.33 11.67
N THR D 145 9.21 42.57 11.21
CA THR D 145 8.87 42.88 9.82
C THR D 145 10.10 43.07 8.95
N ASP D 146 11.30 42.87 9.50
CA ASP D 146 12.52 42.93 8.70
C ASP D 146 12.51 41.87 7.60
N GLU D 147 13.42 42.03 6.65
CA GLU D 147 13.65 41.01 5.64
C GLU D 147 14.00 39.66 6.29
N PRO D 148 13.45 38.55 5.79
CA PRO D 148 13.74 37.24 6.38
C PRO D 148 15.22 36.93 6.36
N SER D 149 15.68 36.32 7.44
CA SER D 149 17.07 35.98 7.69
C SER D 149 17.09 34.92 8.77
N GLU D 150 18.28 34.35 8.99
CA GLU D 150 18.49 33.36 10.06
C GLU D 150 18.02 33.88 11.40
N LYS D 151 18.08 35.20 11.60
CA LYS D 151 17.74 35.76 12.91
C LYS D 151 16.30 35.45 13.28
N ASP D 152 15.43 35.20 12.32
CA ASP D 152 14.03 34.93 12.64
C ASP D 152 13.84 33.56 13.26
N ALA D 153 14.81 32.65 13.11
CA ALA D 153 14.74 31.34 13.75
C ALA D 153 15.37 31.34 15.13
N LEU D 154 15.98 32.45 15.55
CA LEU D 154 16.66 32.51 16.84
C LEU D 154 15.71 32.98 17.95
N GLN D 155 14.58 32.27 18.09
CA GLN D 155 13.60 32.48 19.16
C GLN D 155 13.73 31.38 20.21
N PRO D 156 13.48 31.70 21.48
CA PRO D 156 13.46 30.66 22.50
C PRO D 156 12.25 29.75 22.32
N GLY D 157 12.40 28.50 22.74
CA GLY D 157 11.35 27.52 22.59
C GLY D 157 10.03 27.95 23.18
N ARG D 158 10.04 28.87 24.16
CA ARG D 158 8.82 29.42 24.73
C ARG D 158 7.91 30.01 23.67
N ASN D 159 8.47 30.48 22.56
CA ASN D 159 7.70 31.16 21.51
C ASN D 159 7.05 30.18 20.54
N LEU D 160 7.14 28.88 20.79
CA LEU D 160 6.63 27.92 19.81
C LEU D 160 5.11 28.02 19.68
N VAL D 161 4.66 28.00 18.44
CA VAL D 161 3.25 27.92 18.09
C VAL D 161 2.77 26.49 18.09
N ALA D 162 3.60 25.59 17.56
CA ALA D 162 3.29 24.17 17.47
C ALA D 162 4.61 23.41 17.35
N ALA D 163 4.62 22.18 17.88
CA ALA D 163 5.78 21.30 17.75
C ALA D 163 5.34 19.86 17.83
N GLY D 164 6.21 18.97 17.36
CA GLY D 164 5.93 17.55 17.49
C GLY D 164 6.94 16.74 16.69
N TYR D 165 6.52 15.53 16.35
CA TYR D 165 7.40 14.61 15.66
C TYR D 165 6.58 13.55 14.96
N ALA D 166 7.17 12.97 13.92
CA ALA D 166 6.64 11.78 13.31
C ALA D 166 7.61 10.65 13.59
N LEU D 167 7.10 9.54 14.10
CA LEU D 167 7.89 8.36 14.45
C LEU D 167 7.59 7.27 13.42
N TYR D 168 8.63 6.85 12.69
CA TYR D 168 8.55 5.70 11.79
C TYR D 168 9.05 4.47 12.56
N GLY D 169 8.18 3.91 13.39
CA GLY D 169 8.49 2.75 14.20
C GLY D 169 7.78 1.49 13.74
N SER D 170 7.23 0.70 14.66
CA SER D 170 6.47 -0.48 14.22
C SER D 170 5.31 -0.02 13.35
N ALA D 171 4.71 1.12 13.69
CA ALA D 171 3.82 1.88 12.83
C ALA D 171 4.31 3.32 12.79
N THR D 172 3.62 4.15 12.01
CA THR D 172 3.96 5.56 11.88
C THR D 172 2.96 6.42 12.64
N MET D 173 3.47 7.24 13.56
CA MET D 173 2.62 8.09 14.37
C MET D 173 3.10 9.53 14.34
N LEU D 174 2.16 10.45 14.24
CA LEU D 174 2.44 11.87 14.37
C LEU D 174 1.95 12.33 15.73
N VAL D 175 2.87 12.87 16.54
CA VAL D 175 2.58 13.49 17.83
C VAL D 175 2.66 15.01 17.64
N LEU D 176 1.54 15.70 17.88
CA LEU D 176 1.41 17.13 17.62
C LEU D 176 1.03 17.85 18.91
N ALA D 177 1.89 18.78 19.32
CA ALA D 177 1.71 19.56 20.54
C ALA D 177 1.43 21.02 20.18
N MET D 178 0.38 21.58 20.79
CA MET D 178 0.04 23.00 20.66
C MET D 178 -0.44 23.51 22.02
N ASP D 179 -0.94 24.74 22.05
CA ASP D 179 -1.42 25.32 23.30
C ASP D 179 -2.54 24.48 23.91
N CYS D 180 -3.37 23.87 23.09
CA CYS D 180 -4.49 23.05 23.54
C CYS D 180 -4.07 21.71 24.15
N GLY D 181 -2.79 21.33 24.07
CA GLY D 181 -2.28 20.06 24.56
C GLY D 181 -1.63 19.24 23.44
N VAL D 182 -1.37 17.96 23.77
CA VAL D 182 -0.64 17.04 22.91
C VAL D 182 -1.63 16.00 22.39
N ASN D 183 -1.61 15.73 21.07
CA ASN D 183 -2.48 14.71 20.49
C ASN D 183 -1.69 13.83 19.52
N CYS D 184 -2.05 12.55 19.49
CA CYS D 184 -1.32 11.52 18.77
C CYS D 184 -2.18 10.95 17.65
N PHE D 185 -1.59 10.84 16.47
CA PHE D 185 -2.28 10.44 15.25
C PHE D 185 -1.53 9.28 14.61
N MET D 186 -2.26 8.20 14.35
CA MET D 186 -1.72 7.00 13.73
C MET D 186 -1.95 7.02 12.23
N LEU D 187 -0.88 6.86 11.46
CA LEU D 187 -1.00 6.83 10.01
C LEU D 187 -1.59 5.49 9.57
N ASP D 188 -2.79 5.52 8.98
CA ASP D 188 -3.39 4.36 8.32
C ASP D 188 -2.86 4.35 6.89
N PRO D 189 -1.88 3.50 6.58
CA PRO D 189 -1.28 3.50 5.24
C PRO D 189 -2.19 2.95 4.16
N ALA D 190 -3.27 2.27 4.52
CA ALA D 190 -4.24 1.81 3.53
C ALA D 190 -4.95 2.98 2.86
N ILE D 191 -5.11 4.11 3.55
CA ILE D 191 -5.79 5.27 2.98
C ILE D 191 -5.01 6.56 3.15
N GLY D 192 -3.78 6.52 3.67
CA GLY D 192 -3.01 7.72 3.91
C GLY D 192 -3.72 8.79 4.74
N GLU D 193 -4.17 8.42 5.93
CA GLU D 193 -4.85 9.35 6.83
C GLU D 193 -4.31 9.14 8.24
N PHE D 194 -4.12 10.25 8.95
CA PHE D 194 -3.67 10.19 10.35
C PHE D 194 -4.88 10.17 11.26
N ILE D 195 -5.11 9.04 11.93
CA ILE D 195 -6.30 8.87 12.76
C ILE D 195 -5.97 9.28 14.19
N LEU D 196 -6.81 10.14 14.76
CA LEU D 196 -6.65 10.53 16.15
C LEU D 196 -6.92 9.33 17.03
N VAL D 197 -5.92 8.91 17.82
CA VAL D 197 -6.07 7.72 18.65
C VAL D 197 -5.80 8.00 20.12
N ASP D 198 -5.17 9.12 20.47
CA ASP D 198 -4.91 9.48 21.86
C ASP D 198 -5.09 11.00 21.98
N LYS D 199 -6.12 11.42 22.71
CA LYS D 199 -6.41 12.85 22.82
C LYS D 199 -5.82 13.40 24.10
N ASP D 200 -5.28 14.62 24.02
CA ASP D 200 -4.87 15.41 25.20
C ASP D 200 -4.09 14.54 26.19
N VAL D 201 -2.92 14.05 25.73
CA VAL D 201 -2.21 13.01 26.46
C VAL D 201 -1.34 13.66 27.51
N LYS D 202 -1.23 13.02 28.68
CA LYS D 202 -0.41 13.47 29.79
C LYS D 202 0.60 12.41 30.22
N ILE D 203 1.78 12.85 30.55
CA ILE D 203 2.83 11.93 30.99
C ILE D 203 2.61 11.57 32.47
N LYS D 204 3.13 10.40 32.84
CA LYS D 204 3.14 9.96 34.24
C LYS D 204 3.89 10.94 35.14
N LYS D 205 3.40 11.09 36.37
CA LYS D 205 4.08 11.93 37.35
C LYS D 205 5.48 11.40 37.67
N LYS D 206 5.62 10.08 37.76
CA LYS D 206 6.89 9.41 38.02
C LYS D 206 6.92 8.11 37.23
N GLY D 207 8.09 7.76 36.68
CA GLY D 207 8.23 6.56 35.86
C GLY D 207 9.19 5.54 36.44
N LYS D 208 9.49 4.48 35.67
CA LYS D 208 10.33 3.37 36.11
C LYS D 208 11.40 3.02 35.09
N ILE D 209 11.70 3.93 34.16
CA ILE D 209 12.66 3.66 33.10
C ILE D 209 13.61 4.83 32.98
N TYR D 210 14.90 4.52 32.85
CA TYR D 210 15.89 5.54 32.55
C TYR D 210 16.53 5.23 31.21
N SER D 211 16.95 6.29 30.51
CA SER D 211 17.36 6.20 29.11
C SER D 211 18.53 7.14 28.86
N LEU D 212 19.71 6.58 28.60
CA LEU D 212 20.89 7.34 28.18
C LEU D 212 21.94 6.33 27.71
N ASN D 213 22.96 6.82 27.01
CA ASN D 213 24.06 5.95 26.57
C ASN D 213 25.06 5.78 27.71
N GLU D 214 25.01 4.63 28.39
CA GLU D 214 25.95 4.39 29.47
C GLU D 214 27.33 3.94 29.00
N GLY D 215 27.51 3.65 27.72
CA GLY D 215 28.84 3.35 27.24
C GLY D 215 29.84 4.46 27.51
N TYR D 216 29.37 5.70 27.59
CA TYR D 216 30.24 6.83 27.83
C TYR D 216 30.34 7.19 29.32
N ALA D 217 30.12 6.20 30.21
CA ALA D 217 30.09 6.46 31.64
C ALA D 217 31.38 7.09 32.15
N LYS D 218 32.52 6.75 31.54
CA LYS D 218 33.79 7.28 32.05
C LYS D 218 33.88 8.80 31.87
N ASP D 219 33.05 9.37 31.01
CA ASP D 219 32.99 10.80 30.77
C ASP D 219 31.80 11.45 31.44
N PHE D 220 31.05 10.71 32.25
CA PHE D 220 29.89 11.31 32.91
C PHE D 220 30.29 12.50 33.78
N ASP D 221 29.42 13.50 33.81
CA ASP D 221 29.46 14.47 34.87
C ASP D 221 29.19 13.73 36.19
N PRO D 222 29.81 14.14 37.30
CA PRO D 222 29.64 13.39 38.55
C PRO D 222 28.19 13.31 39.01
N ALA D 223 27.39 14.33 38.73
CA ALA D 223 25.97 14.27 39.09
C ALA D 223 25.24 13.21 38.27
N VAL D 224 25.57 13.09 36.99
CA VAL D 224 24.99 12.04 36.15
C VAL D 224 25.34 10.66 36.69
N THR D 225 26.59 10.46 37.12
CA THR D 225 27.01 9.17 37.66
C THR D 225 26.19 8.81 38.90
N GLU D 226 25.99 9.77 39.81
CA GLU D 226 25.26 9.46 41.04
C GLU D 226 23.80 9.16 40.75
N TYR D 227 23.15 10.00 39.94
CA TYR D 227 21.74 9.80 39.66
C TYR D 227 21.46 8.43 39.04
N ILE D 228 22.26 8.02 38.06
CA ILE D 228 22.06 6.71 37.45
C ILE D 228 22.32 5.60 38.46
N GLN D 229 23.33 5.77 39.33
CA GLN D 229 23.56 4.76 40.34
C GLN D 229 22.38 4.63 41.28
N ARG D 230 21.70 5.75 41.58
CA ARG D 230 20.49 5.64 42.39
C ARG D 230 19.38 4.92 41.64
N LYS D 231 19.36 5.01 40.31
CA LYS D 231 18.33 4.27 39.60
C LYS D 231 18.59 2.77 39.66
N LYS D 232 19.86 2.36 39.64
CA LYS D 232 20.21 0.94 39.66
C LYS D 232 20.25 0.39 41.08
N PHE D 233 20.68 1.21 42.04
CA PHE D 233 20.85 0.83 43.44
C PHE D 233 20.12 1.83 44.32
N PRO D 234 18.80 1.77 44.36
CA PRO D 234 18.02 2.79 45.07
C PRO D 234 18.40 2.79 46.54
N PRO D 235 18.64 3.96 47.14
CA PRO D 235 19.08 3.96 48.55
C PRO D 235 18.02 3.46 49.51
N ASP D 236 16.76 3.42 49.08
CA ASP D 236 15.67 2.91 49.90
C ASP D 236 15.39 1.46 49.53
N ASN D 237 14.15 1.01 49.72
CA ASN D 237 13.76 -0.36 49.45
C ASN D 237 13.02 -0.54 48.14
N SER D 238 13.02 0.46 47.26
CA SER D 238 12.31 0.33 46.01
C SER D 238 13.05 -0.53 44.99
N ALA D 239 12.34 -0.87 43.94
CA ALA D 239 12.91 -1.65 42.84
C ALA D 239 13.71 -0.72 41.93
N PRO D 240 14.83 -1.20 41.39
CA PRO D 240 15.58 -0.42 40.41
C PRO D 240 14.74 -0.09 39.18
N TYR D 241 15.14 0.97 38.48
CA TYR D 241 14.51 1.29 37.20
C TYR D 241 15.00 0.33 36.13
N GLY D 242 14.18 0.14 35.09
CA GLY D 242 14.66 -0.52 33.89
C GLY D 242 15.43 0.46 33.03
N ALA D 243 16.27 -0.10 32.16
CA ALA D 243 17.08 0.68 31.25
C ALA D 243 16.64 0.43 29.80
N ARG D 244 16.55 1.50 29.02
CA ARG D 244 16.25 1.42 27.58
C ARG D 244 17.02 2.53 26.87
N TYR D 245 17.64 2.19 25.76
CA TYR D 245 18.29 3.24 24.97
C TYR D 245 18.34 2.78 23.50
N VAL D 246 17.41 3.31 22.70
CA VAL D 246 17.33 3.02 21.27
C VAL D 246 18.45 3.71 20.50
N GLY D 247 18.88 4.90 20.94
CA GLY D 247 19.86 5.68 20.20
C GLY D 247 19.25 6.56 19.14
N SER D 248 17.94 6.57 19.03
CA SER D 248 17.22 7.46 18.15
C SER D 248 16.30 8.29 19.02
N MET D 249 16.47 9.62 18.98
CA MET D 249 15.82 10.48 19.94
C MET D 249 14.28 10.38 19.86
N VAL D 250 13.72 10.40 18.64
CA VAL D 250 12.27 10.31 18.52
C VAL D 250 11.75 9.04 19.18
N ALA D 251 12.46 7.92 19.01
CA ALA D 251 12.01 6.68 19.60
C ALA D 251 12.08 6.72 21.12
N ASP D 252 13.18 7.23 21.68
CA ASP D 252 13.36 7.23 23.12
C ASP D 252 12.40 8.21 23.81
N VAL D 253 12.21 9.40 23.22
CA VAL D 253 11.32 10.38 23.81
C VAL D 253 9.87 9.89 23.74
N HIS D 254 9.49 9.24 22.64
CA HIS D 254 8.12 8.77 22.57
C HIS D 254 7.85 7.68 23.61
N ARG D 255 8.80 6.76 23.79
CA ARG D 255 8.69 5.78 24.88
C ARG D 255 8.59 6.50 26.23
N THR D 256 9.38 7.56 26.40
CA THR D 256 9.33 8.34 27.63
C THR D 256 7.95 8.96 27.82
N LEU D 257 7.37 9.50 26.76
CA LEU D 257 6.04 10.08 26.86
C LEU D 257 4.98 9.02 27.20
N VAL D 258 5.11 7.84 26.60
CA VAL D 258 4.06 6.82 26.70
C VAL D 258 4.10 6.10 28.04
N TYR D 259 5.30 5.72 28.49
CA TYR D 259 5.47 4.87 29.67
C TYR D 259 5.92 5.63 30.91
N GLY D 260 6.21 6.93 30.79
CA GLY D 260 6.82 7.66 31.88
C GLY D 260 8.31 7.38 31.97
N GLY D 261 8.98 8.08 32.87
CA GLY D 261 10.41 7.91 33.04
C GLY D 261 11.21 9.13 32.59
N ILE D 262 12.47 8.88 32.25
CA ILE D 262 13.43 9.97 32.06
C ILE D 262 14.41 9.63 30.96
N PHE D 263 14.68 10.63 30.14
CA PHE D 263 15.63 10.56 29.04
C PHE D 263 16.69 11.63 29.25
N LEU D 264 17.97 11.25 29.07
CA LEU D 264 19.08 12.15 29.32
C LEU D 264 20.05 12.14 28.15
N TYR D 265 20.40 13.34 27.66
CA TYR D 265 21.59 13.54 26.85
C TYR D 265 22.30 14.74 27.46
N PRO D 266 23.02 14.54 28.56
CA PRO D 266 23.53 15.66 29.36
C PRO D 266 24.85 16.22 28.85
N ALA D 267 25.25 17.32 29.48
CA ALA D 267 26.55 17.91 29.25
C ALA D 267 27.62 17.23 30.10
N ASN D 268 28.86 17.24 29.60
CA ASN D 268 30.01 16.82 30.38
C ASN D 268 31.16 17.78 30.08
N LYS D 269 32.35 17.45 30.59
CA LYS D 269 33.49 18.35 30.41
C LYS D 269 33.92 18.44 28.95
N LYS D 270 33.89 17.32 28.23
CA LYS D 270 34.24 17.35 26.82
C LYS D 270 33.14 17.99 25.97
N SER D 271 31.88 17.96 26.42
CA SER D 271 30.76 18.55 25.67
C SER D 271 29.93 19.40 26.63
N PRO D 272 30.44 20.58 26.96
CA PRO D 272 29.76 21.41 27.96
C PRO D 272 28.38 21.88 27.55
N ASN D 273 28.02 21.79 26.28
CA ASN D 273 26.68 22.17 25.85
C ASN D 273 25.85 21.00 25.34
N GLY D 274 26.20 19.77 25.74
CA GLY D 274 25.51 18.60 25.21
C GLY D 274 25.92 18.39 23.76
N LYS D 275 25.27 17.41 23.14
CA LYS D 275 25.49 17.13 21.73
C LYS D 275 24.23 17.37 20.88
N LEU D 276 23.05 17.15 21.44
CA LEU D 276 21.82 17.34 20.68
C LEU D 276 21.61 18.83 20.40
N ARG D 277 20.90 19.10 19.30
CA ARG D 277 20.69 20.44 18.76
C ARG D 277 19.40 21.08 19.29
N LEU D 278 19.49 22.37 19.64
CA LEU D 278 18.42 23.06 20.36
C LEU D 278 17.20 23.33 19.48
N LEU D 279 17.41 23.88 18.28
CA LEU D 279 16.29 24.42 17.51
C LEU D 279 15.36 23.32 16.99
N TYR D 280 15.92 22.19 16.55
CA TYR D 280 15.09 21.20 15.87
C TYR D 280 15.16 19.81 16.49
N GLU D 281 15.69 19.68 17.72
CA GLU D 281 15.60 18.45 18.48
C GLU D 281 15.13 18.76 19.91
N CYS D 282 15.85 19.63 20.65
CA CYS D 282 15.57 19.81 22.07
C CYS D 282 14.30 20.61 22.31
N ASN D 283 14.17 21.76 21.64
CA ASN D 283 12.99 22.61 21.81
C ASN D 283 11.70 21.91 21.41
N PRO D 284 11.59 21.28 20.22
CA PRO D 284 10.33 20.56 19.95
C PRO D 284 10.04 19.47 20.97
N MET D 285 11.03 18.69 21.37
CA MET D 285 10.76 17.64 22.35
C MET D 285 10.45 18.24 23.72
N ALA D 286 11.13 19.33 24.10
CA ALA D 286 10.86 19.99 25.38
C ALA D 286 9.46 20.56 25.42
N TYR D 287 9.02 21.12 24.29
CA TYR D 287 7.66 21.65 24.15
C TYR D 287 6.61 20.56 24.26
N VAL D 288 6.83 19.40 23.62
CA VAL D 288 5.89 18.30 23.75
C VAL D 288 5.80 17.85 25.20
N MET D 289 6.96 17.73 25.84
CA MET D 289 6.97 17.33 27.23
C MET D 289 6.16 18.30 28.10
N GLU D 290 6.40 19.61 27.98
CA GLU D 290 5.72 20.55 28.87
C GLU D 290 4.23 20.57 28.62
N LYS D 291 3.80 20.45 27.36
CA LYS D 291 2.36 20.41 27.10
C LYS D 291 1.71 19.13 27.62
N ALA D 292 2.48 18.06 27.77
CA ALA D 292 2.01 16.82 28.35
C ALA D 292 2.19 16.75 29.87
N GLY D 293 2.50 17.88 30.51
CA GLY D 293 2.76 17.91 31.94
C GLY D 293 4.12 17.39 32.37
N GLY D 294 5.08 17.26 31.44
CA GLY D 294 6.42 16.85 31.78
C GLY D 294 7.37 18.01 31.96
N MET D 295 8.65 17.68 32.07
CA MET D 295 9.66 18.70 32.23
C MET D 295 10.79 18.44 31.26
N ALA D 296 11.60 19.48 31.04
CA ALA D 296 12.78 19.39 30.19
C ALA D 296 13.76 20.47 30.59
N THR D 297 14.92 20.08 31.12
CA THR D 297 15.88 21.00 31.69
C THR D 297 17.21 20.81 31.00
N THR D 298 18.05 21.86 30.98
CA THR D 298 19.45 21.70 30.62
C THR D 298 20.32 21.33 31.80
N GLY D 299 19.74 21.33 33.00
CA GLY D 299 20.48 21.31 34.25
C GLY D 299 20.45 22.69 34.89
N LYS D 300 20.69 23.72 34.08
CA LYS D 300 20.74 25.08 34.58
C LYS D 300 19.44 25.85 34.39
N GLU D 301 18.59 25.45 33.43
CA GLU D 301 17.32 26.14 33.17
C GLU D 301 16.43 25.25 32.31
N ALA D 302 15.19 25.70 32.17
CA ALA D 302 14.28 25.06 31.22
C ALA D 302 14.82 25.21 29.80
N VAL D 303 14.70 24.11 29.03
CA VAL D 303 15.18 24.10 27.64
C VAL D 303 14.52 25.23 26.83
N LEU D 304 13.20 25.39 26.97
CA LEU D 304 12.44 26.41 26.25
C LEU D 304 12.83 27.84 26.60
N ASP D 305 13.58 28.06 27.69
CA ASP D 305 14.00 29.43 28.02
C ASP D 305 15.35 29.79 27.42
N VAL D 306 16.05 28.85 26.81
CA VAL D 306 17.35 29.17 26.22
C VAL D 306 17.15 30.10 25.03
N ILE D 307 17.89 31.21 25.02
CA ILE D 307 17.86 32.17 23.93
C ILE D 307 18.96 31.79 22.94
N PRO D 308 18.63 31.29 21.75
CA PRO D 308 19.69 30.82 20.85
C PRO D 308 20.44 31.98 20.20
N THR D 309 21.73 31.74 19.92
CA THR D 309 22.58 32.68 19.19
C THR D 309 23.12 32.12 17.88
N ASP D 310 22.94 30.83 17.63
CA ASP D 310 23.38 30.10 16.44
C ASP D 310 22.35 29.05 16.09
N ILE D 311 21.94 28.98 14.81
CA ILE D 311 20.86 28.07 14.43
C ILE D 311 21.21 26.61 14.66
N HIS D 312 22.49 26.23 14.71
CA HIS D 312 22.85 24.83 14.90
C HIS D 312 23.39 24.58 16.31
N GLN D 313 23.10 25.47 17.25
CA GLN D 313 23.74 25.34 18.55
C GLN D 313 23.19 24.14 19.30
N ARG D 314 24.04 23.61 20.18
CA ARG D 314 23.73 22.43 20.97
C ARG D 314 23.19 22.85 22.32
N ALA D 315 22.50 21.92 22.97
CA ALA D 315 21.95 22.16 24.27
C ALA D 315 21.88 20.82 25.01
N PRO D 316 22.33 20.75 26.26
CA PRO D 316 22.10 19.55 27.06
C PRO D 316 20.62 19.43 27.35
N VAL D 317 20.12 18.21 27.46
CA VAL D 317 18.70 18.01 27.69
C VAL D 317 18.48 16.80 28.60
N ILE D 318 17.60 16.99 29.58
CA ILE D 318 17.11 15.95 30.48
C ILE D 318 15.60 16.15 30.59
N LEU D 319 14.83 15.14 30.24
CA LEU D 319 13.39 15.37 30.15
C LEU D 319 12.62 14.13 30.56
N GLY D 320 11.33 14.32 30.81
CA GLY D 320 10.45 13.22 31.13
C GLY D 320 9.48 13.51 32.25
N SER D 321 9.08 12.46 32.98
CA SER D 321 8.16 12.58 34.10
C SER D 321 8.68 13.63 35.08
N PRO D 322 7.85 14.55 35.56
CA PRO D 322 8.38 15.66 36.39
C PRO D 322 9.05 15.22 37.67
N ASP D 323 8.51 14.23 38.39
CA ASP D 323 9.19 13.80 39.61
C ASP D 323 10.59 13.30 39.30
N ASP D 324 10.75 12.59 38.18
CA ASP D 324 12.06 12.09 37.78
C ASP D 324 13.01 13.23 37.42
N VAL D 325 12.55 14.16 36.58
CA VAL D 325 13.39 15.30 36.22
C VAL D 325 13.77 16.10 37.48
N LEU D 326 12.80 16.33 38.38
CA LEU D 326 13.09 17.10 39.60
C LEU D 326 14.08 16.36 40.50
N GLU D 327 14.00 15.03 40.55
CA GLU D 327 14.98 14.26 41.29
C GLU D 327 16.39 14.42 40.70
N PHE D 328 16.50 14.42 39.37
CA PHE D 328 17.79 14.67 38.76
C PHE D 328 18.35 16.04 39.14
N LEU D 329 17.49 17.06 39.19
CA LEU D 329 17.96 18.41 39.49
C LEU D 329 18.46 18.50 40.93
N LYS D 330 17.82 17.74 41.83
CA LYS D 330 18.30 17.62 43.20
C LYS D 330 19.74 17.09 43.24
N VAL D 331 19.98 15.97 42.58
CA VAL D 331 21.33 15.43 42.51
C VAL D 331 22.25 16.43 41.81
N TYR D 332 21.76 17.06 40.74
CA TYR D 332 22.56 18.02 40.00
C TYR D 332 22.99 19.20 40.87
N GLU D 333 22.08 19.72 41.72
CA GLU D 333 22.46 20.81 42.63
C GLU D 333 23.54 20.40 43.61
N LYS D 334 23.48 19.17 44.12
CA LYS D 334 24.43 18.73 45.12
C LYS D 334 25.87 18.86 44.62
N HIS D 335 26.09 18.70 43.32
CA HIS D 335 27.41 18.80 42.73
C HIS D 335 27.70 20.16 42.10
N SER D 336 26.90 21.19 42.41
CA SER D 336 27.07 22.49 41.74
C SER D 336 27.67 23.57 42.63
#